data_3OYT
#
_entry.id   3OYT
#
_cell.length_a   109.649
_cell.length_b   114.613
_cell.length_c   59.157
_cell.angle_alpha   90.00
_cell.angle_beta   90.00
_cell.angle_gamma   90.00
#
_symmetry.space_group_name_H-M   'P 21 21 2'
#
loop_
_entity.id
_entity.type
_entity.pdbx_description
1 polymer '3-oxoacyl-[acyl-carrier-protein] synthase I'
2 non-polymer 'POTASSIUM ION'
3 non-polymer 'PHOSPHATE ION'
4 non-polymer 1,2-ETHANEDIOL
5 non-polymer DI(HYDROXYETHYL)ETHER
6 non-polymer 'TRIETHYLENE GLYCOL'
7 non-polymer 'TETRAETHYLENE GLYCOL'
8 water water
#
_entity_poly.entity_id   1
_entity_poly.type   'polypeptide(L)'
_entity_poly.pdbx_seq_one_letter_code
;SNA(MSE)KRAVITGLGIVSSIGNNQQEVLASLQEGRSGITFAQEFKDAG(MSE)RSHVWGDVKLQSEPKDLIDRKVLRF
(MSE)SDASIYAYLA(MSE)QEAIADSGLSDSQVSNFRSGLVVGSGGGSPRNQVAGSDA(MSE)RTPRGLKGVGPY
(MSE)VTKA(MSE)ASGVSACLATPFKIKGVNYSISSACATSAHCIGHALELIQLGKQDIVFAGGGEELCWE(MSE)ACE
FDA(MSE)GALSTKYNDTPAKASRTYDQDRDGFVIAGGGG(MSE)VVVEELEHALARGAHIYAEIVGYGATSDGAD
(MSE)VAPSGEGAVRC(MSE)Q(MSE)A(MSE)AGVDTPIDY(MSE)NVHGTSTPVGDVKELGAIREVFGNNTPAISSTK
A(MSE)TGHSLGAAGVHEAIFSLL(MSE)VEHGFIAPSINIDNLDEQAQG(MSE)NIITETTQRELTTV(MSE)SNSFGF
GGTNATLV(MSE)RKYQK
;
_entity_poly.pdbx_strand_id   A,B
#
loop_
_chem_comp.id
_chem_comp.type
_chem_comp.name
_chem_comp.formula
EDO non-polymer 1,2-ETHANEDIOL 'C2 H6 O2'
K non-polymer 'POTASSIUM ION' 'K 1'
PEG non-polymer DI(HYDROXYETHYL)ETHER 'C4 H10 O3'
PG4 non-polymer 'TETRAETHYLENE GLYCOL' 'C8 H18 O5'
PGE non-polymer 'TRIETHYLENE GLYCOL' 'C6 H14 O4'
PO4 non-polymer 'PHOSPHATE ION' 'O4 P -3'
#
# COMPACT_ATOMS: atom_id res chain seq x y z
N MSE A 4 -5.37 -24.54 10.67
CA MSE A 4 -6.24 -23.43 10.16
C MSE A 4 -6.36 -23.58 8.64
O MSE A 4 -5.71 -24.42 8.04
CB MSE A 4 -5.68 -22.06 10.59
CG MSE A 4 -4.47 -21.55 9.81
SE MSE A 4 -3.54 -20.09 10.76
CE MSE A 4 -5.07 -19.00 11.34
N LYS A 5 -7.19 -22.75 8.02
CA LYS A 5 -7.41 -22.85 6.58
C LYS A 5 -6.14 -22.81 5.73
N ARG A 6 -6.15 -23.52 4.61
CA ARG A 6 -5.03 -23.60 3.69
C ARG A 6 -5.37 -22.83 2.41
N ALA A 7 -4.35 -22.27 1.75
CA ALA A 7 -4.51 -21.49 0.53
C ALA A 7 -3.75 -22.08 -0.63
N VAL A 8 -4.40 -22.13 -1.80
CA VAL A 8 -3.79 -22.65 -3.01
C VAL A 8 -3.89 -21.64 -4.15
N ILE A 9 -2.99 -21.74 -5.12
CA ILE A 9 -3.04 -20.83 -6.27
C ILE A 9 -3.73 -21.63 -7.40
N THR A 10 -4.82 -21.08 -7.92
CA THR A 10 -5.58 -21.77 -8.95
C THR A 10 -5.69 -21.08 -10.30
N GLY A 11 -4.99 -19.96 -10.46
CA GLY A 11 -5.01 -19.24 -11.72
C GLY A 11 -3.90 -18.22 -11.71
N LEU A 12 -3.32 -17.99 -12.86
CA LEU A 12 -2.27 -17.00 -12.97
C LEU A 12 -2.41 -16.19 -14.26
N GLY A 13 -1.90 -14.96 -14.23
CA GLY A 13 -1.98 -14.05 -15.36
C GLY A 13 -0.77 -13.15 -15.29
N ILE A 14 -0.20 -12.81 -16.45
CA ILE A 14 1.02 -12.03 -16.47
C ILE A 14 1.30 -11.29 -17.77
N VAL A 15 1.80 -10.06 -17.60
CA VAL A 15 2.22 -9.17 -18.66
C VAL A 15 3.62 -8.75 -18.19
N SER A 16 4.65 -9.14 -18.96
CA SER A 16 6.03 -8.85 -18.56
C SER A 16 6.96 -8.63 -19.74
N SER A 17 8.23 -8.36 -19.45
CA SER A 17 9.21 -8.12 -20.49
C SER A 17 9.56 -9.39 -21.28
N ILE A 18 9.22 -10.55 -20.73
CA ILE A 18 9.49 -11.82 -21.41
C ILE A 18 8.21 -12.52 -21.86
N GLY A 19 7.08 -11.83 -21.83
CA GLY A 19 5.85 -12.44 -22.28
C GLY A 19 4.59 -11.79 -21.76
N ASN A 20 3.56 -11.79 -22.60
CA ASN A 20 2.26 -11.20 -22.28
C ASN A 20 1.19 -12.18 -21.79
N ASN A 21 1.58 -13.42 -21.52
CA ASN A 21 0.69 -14.45 -20.99
C ASN A 21 1.57 -15.60 -20.54
N GLN A 22 1.02 -16.57 -19.83
CA GLN A 22 1.88 -17.63 -19.32
C GLN A 22 2.55 -18.49 -20.38
N GLN A 23 1.94 -18.66 -21.54
CA GLN A 23 2.57 -19.47 -22.58
C GLN A 23 3.85 -18.81 -23.12
N GLU A 24 3.79 -17.50 -23.32
CA GLU A 24 4.94 -16.75 -23.82
C GLU A 24 6.02 -16.73 -22.76
N VAL A 25 5.64 -16.52 -21.51
CA VAL A 25 6.58 -16.49 -20.40
C VAL A 25 7.24 -17.86 -20.22
N LEU A 26 6.44 -18.93 -20.25
CA LEU A 26 7.00 -20.26 -20.11
C LEU A 26 8.07 -20.50 -21.15
N ALA A 27 7.75 -20.22 -22.41
CA ALA A 27 8.73 -20.38 -23.48
C ALA A 27 10.01 -19.59 -23.20
N SER A 28 9.89 -18.34 -22.78
CA SER A 28 11.09 -17.52 -22.50
C SER A 28 11.93 -18.10 -21.37
N LEU A 29 11.25 -18.56 -20.32
CA LEU A 29 11.96 -19.13 -19.18
C LEU A 29 12.70 -20.39 -19.63
N GLN A 30 12.08 -21.20 -20.46
CA GLN A 30 12.76 -22.40 -20.92
C GLN A 30 13.93 -22.10 -21.85
N GLU A 31 13.83 -21.03 -22.63
CA GLU A 31 14.86 -20.63 -23.56
C GLU A 31 15.95 -19.79 -22.95
N GLY A 32 15.68 -19.21 -21.78
CA GLY A 32 16.63 -18.33 -21.11
C GLY A 32 16.70 -17.04 -21.91
N ARG A 33 15.56 -16.64 -22.47
CA ARG A 33 15.49 -15.45 -23.30
C ARG A 33 15.40 -14.15 -22.51
N SER A 34 16.26 -13.19 -22.87
CA SER A 34 16.25 -11.88 -22.22
C SER A 34 15.12 -11.03 -22.77
N GLY A 35 14.51 -10.23 -21.90
CA GLY A 35 13.44 -9.34 -22.29
C GLY A 35 13.94 -7.91 -22.29
N ILE A 36 15.25 -7.75 -22.08
CA ILE A 36 15.85 -6.43 -22.00
C ILE A 36 16.23 -5.85 -23.37
N THR A 37 15.91 -4.58 -23.56
CA THR A 37 16.19 -3.90 -24.83
C THR A 37 16.66 -2.46 -24.58
N PHE A 38 17.16 -1.83 -25.64
CA PHE A 38 17.60 -0.47 -25.56
C PHE A 38 16.38 0.45 -25.33
N ALA A 39 16.55 1.43 -24.46
CA ALA A 39 15.47 2.38 -24.10
C ALA A 39 15.77 3.77 -24.67
N GLN A 40 15.30 4.06 -25.87
CA GLN A 40 15.58 5.38 -26.49
C GLN A 40 15.01 6.51 -25.62
N GLU A 41 13.87 6.25 -24.98
CA GLU A 41 13.21 7.23 -24.11
C GLU A 41 14.14 7.67 -22.97
N PHE A 42 14.85 6.72 -22.37
CA PHE A 42 15.75 7.05 -21.30
C PHE A 42 16.95 7.86 -21.83
N LYS A 43 17.49 7.51 -22.98
CA LYS A 43 18.62 8.26 -23.52
C LYS A 43 18.14 9.69 -23.76
N ASP A 44 16.98 9.83 -24.39
CA ASP A 44 16.38 11.14 -24.71
C ASP A 44 16.10 12.00 -23.49
N ALA A 45 15.83 11.35 -22.36
CA ALA A 45 15.55 12.03 -21.10
C ALA A 45 16.81 12.53 -20.39
N GLY A 46 17.99 12.11 -20.85
CA GLY A 46 19.25 12.54 -20.24
C GLY A 46 19.71 11.60 -19.12
N MSE A 47 19.17 10.40 -19.11
CA MSE A 47 19.54 9.39 -18.14
C MSE A 47 20.84 8.68 -18.56
O MSE A 47 21.24 8.74 -19.71
CB MSE A 47 18.42 8.36 -18.01
CG MSE A 47 17.20 8.86 -17.23
SE MSE A 47 15.70 7.62 -17.31
CE MSE A 47 16.51 5.99 -16.63
N ARG A 48 21.49 8.00 -17.62
CA ARG A 48 22.73 7.26 -17.91
C ARG A 48 22.41 5.81 -18.25
N SER A 49 21.34 5.30 -17.67
CA SER A 49 20.93 3.94 -17.97
C SER A 49 20.04 4.02 -19.22
N HIS A 50 20.40 3.29 -20.27
CA HIS A 50 19.59 3.32 -21.48
C HIS A 50 19.03 1.95 -21.84
N VAL A 51 18.71 1.17 -20.84
CA VAL A 51 18.17 -0.17 -21.04
C VAL A 51 16.95 -0.38 -20.14
N TRP A 52 16.03 -1.21 -20.60
CA TRP A 52 14.82 -1.53 -19.81
C TRP A 52 14.20 -2.87 -20.18
N GLY A 53 13.34 -3.36 -19.28
CA GLY A 53 12.59 -4.60 -19.47
C GLY A 53 11.19 -4.10 -19.80
N ASP A 54 11.01 -3.73 -21.06
CA ASP A 54 9.75 -3.16 -21.50
C ASP A 54 8.67 -4.17 -21.83
N VAL A 55 7.42 -3.76 -21.64
CA VAL A 55 6.28 -4.61 -21.94
C VAL A 55 5.95 -4.21 -23.37
N LYS A 56 5.87 -5.20 -24.24
CA LYS A 56 5.55 -5.02 -25.65
C LYS A 56 4.16 -5.64 -25.86
N LEU A 57 3.10 -4.87 -25.62
CA LEU A 57 1.74 -5.40 -25.76
C LEU A 57 1.39 -5.68 -27.24
N GLN A 58 0.48 -6.63 -27.47
CA GLN A 58 0.11 -6.98 -28.82
C GLN A 58 -0.66 -5.87 -29.54
N SER A 59 -1.36 -5.03 -28.79
CA SER A 59 -2.10 -3.95 -29.38
C SER A 59 -2.08 -2.77 -28.44
N GLU A 60 -2.66 -1.65 -28.86
CA GLU A 60 -2.72 -0.52 -27.96
C GLU A 60 -3.80 -0.83 -26.91
N PRO A 61 -3.64 -0.27 -25.70
CA PRO A 61 -4.63 -0.55 -24.67
C PRO A 61 -6.07 -0.28 -25.10
N LYS A 62 -6.31 0.76 -25.89
CA LYS A 62 -7.68 1.07 -26.34
C LYS A 62 -8.30 -0.06 -27.18
N ASP A 63 -7.48 -0.95 -27.73
CA ASP A 63 -7.99 -2.07 -28.51
C ASP A 63 -8.12 -3.34 -27.66
N LEU A 64 -7.61 -3.32 -26.43
CA LEU A 64 -7.67 -4.49 -25.55
C LEU A 64 -8.64 -4.35 -24.34
N ILE A 65 -8.97 -3.12 -23.97
CA ILE A 65 -9.79 -2.86 -22.79
C ILE A 65 -10.95 -1.91 -23.09
N ASP A 66 -12.13 -2.23 -22.57
CA ASP A 66 -13.33 -1.42 -22.76
C ASP A 66 -13.02 0.02 -22.40
N ARG A 67 -13.47 0.98 -23.19
CA ARG A 67 -13.14 2.38 -22.87
C ARG A 67 -13.68 2.89 -21.54
N LYS A 68 -14.82 2.37 -21.10
CA LYS A 68 -15.39 2.77 -19.81
C LYS A 68 -14.49 2.39 -18.63
N VAL A 69 -13.72 1.33 -18.84
CA VAL A 69 -12.79 0.85 -17.81
C VAL A 69 -11.43 1.54 -17.97
N LEU A 70 -10.97 1.64 -19.21
CA LEU A 70 -9.69 2.21 -19.52
C LEU A 70 -9.51 3.68 -19.17
N ARG A 71 -10.60 4.45 -19.20
CA ARG A 71 -10.49 5.88 -18.94
C ARG A 71 -9.97 6.22 -17.53
N PHE A 72 -10.11 5.29 -16.59
CA PHE A 72 -9.63 5.49 -15.22
C PHE A 72 -8.18 5.05 -14.94
N MSE A 73 -7.56 4.39 -15.90
CA MSE A 73 -6.27 3.77 -15.71
C MSE A 73 -4.94 4.38 -16.14
O MSE A 73 -4.86 5.09 -17.13
CB MSE A 73 -6.33 2.45 -16.50
CG MSE A 73 -7.35 1.49 -16.02
SE MSE A 73 -7.43 -0.18 -17.00
CE MSE A 73 -8.33 -1.18 -15.60
N SER A 74 -3.92 4.05 -15.34
CA SER A 74 -2.54 4.40 -15.61
C SER A 74 -2.02 3.07 -16.17
N ASP A 75 -0.79 3.04 -16.68
CA ASP A 75 -0.26 1.79 -17.24
C ASP A 75 -0.20 0.66 -16.22
N ALA A 76 0.07 0.96 -14.95
CA ALA A 76 0.14 -0.10 -13.91
C ALA A 76 -1.17 -0.88 -13.84
N SER A 77 -2.29 -0.15 -13.92
CA SER A 77 -3.61 -0.71 -13.87
C SER A 77 -3.92 -1.46 -15.15
N ILE A 78 -3.46 -0.94 -16.28
CA ILE A 78 -3.67 -1.62 -17.58
C ILE A 78 -3.01 -2.99 -17.50
N TYR A 79 -1.77 -3.02 -17.06
CA TYR A 79 -1.05 -4.30 -16.97
C TYR A 79 -1.68 -5.27 -15.99
N ALA A 80 -2.06 -4.78 -14.83
CA ALA A 80 -2.67 -5.61 -13.79
C ALA A 80 -4.02 -6.15 -14.25
N TYR A 81 -4.75 -5.32 -14.98
CA TYR A 81 -6.06 -5.70 -15.49
C TYR A 81 -5.95 -6.80 -16.51
N LEU A 82 -5.00 -6.68 -17.43
CA LEU A 82 -4.80 -7.71 -18.47
C LEU A 82 -4.37 -9.00 -17.80
N ALA A 83 -3.52 -8.89 -16.77
CA ALA A 83 -3.09 -10.06 -16.01
C ALA A 83 -4.27 -10.70 -15.30
N MSE A 84 -5.13 -9.89 -14.68
CA MSE A 84 -6.30 -10.43 -13.99
C MSE A 84 -7.30 -11.10 -14.95
O MSE A 84 -7.90 -12.12 -14.58
CB MSE A 84 -6.99 -9.37 -13.13
CG MSE A 84 -8.13 -10.01 -12.24
SE MSE A 84 -8.41 -8.80 -10.80
CE MSE A 84 -10.14 -9.54 -10.20
N GLN A 85 -7.47 -10.56 -16.14
CA GLN A 85 -8.38 -11.20 -17.12
C GLN A 85 -7.84 -12.60 -17.43
N GLU A 86 -6.51 -12.69 -17.62
CA GLU A 86 -5.88 -13.99 -17.92
C GLU A 86 -6.07 -14.94 -16.75
N ALA A 87 -5.81 -14.48 -15.54
CA ALA A 87 -5.94 -15.27 -14.33
C ALA A 87 -7.37 -15.79 -14.14
N ILE A 88 -8.36 -14.95 -14.42
CA ILE A 88 -9.77 -15.36 -14.29
C ILE A 88 -10.08 -16.46 -15.32
N ALA A 89 -9.65 -16.26 -16.55
CA ALA A 89 -9.87 -17.26 -17.59
C ALA A 89 -9.16 -18.57 -17.17
N ASP A 90 -7.90 -18.45 -16.76
CA ASP A 90 -7.10 -19.62 -16.35
C ASP A 90 -7.74 -20.38 -15.17
N SER A 91 -8.29 -19.64 -14.20
CA SER A 91 -8.86 -20.24 -12.99
C SER A 91 -10.19 -20.95 -13.21
N GLY A 92 -10.90 -20.56 -14.28
CA GLY A 92 -12.20 -21.12 -14.61
C GLY A 92 -13.33 -20.59 -13.74
N LEU A 93 -13.05 -19.53 -12.98
CA LEU A 93 -14.05 -18.93 -12.10
C LEU A 93 -15.20 -18.30 -12.86
N SER A 94 -16.40 -18.44 -12.31
CA SER A 94 -17.59 -17.85 -12.88
C SER A 94 -17.75 -16.43 -12.34
N ASP A 95 -18.65 -15.67 -12.95
CA ASP A 95 -18.90 -14.31 -12.50
C ASP A 95 -19.35 -14.31 -11.03
N SER A 96 -20.14 -15.30 -10.61
CA SER A 96 -20.64 -15.32 -9.22
C SER A 96 -19.54 -15.64 -8.19
N GLN A 97 -18.38 -16.09 -8.66
CA GLN A 97 -17.25 -16.35 -7.77
C GLN A 97 -16.28 -15.16 -7.83
N VAL A 98 -16.13 -14.53 -8.99
CA VAL A 98 -15.29 -13.35 -9.09
C VAL A 98 -15.93 -12.20 -8.26
N SER A 99 -17.25 -12.03 -8.40
CA SER A 99 -18.01 -10.98 -7.69
C SER A 99 -18.79 -11.70 -6.59
N ASN A 100 -18.23 -11.70 -5.40
CA ASN A 100 -18.79 -12.44 -4.29
C ASN A 100 -18.34 -11.81 -3.00
N PHE A 101 -19.18 -11.84 -1.97
CA PHE A 101 -18.81 -11.23 -0.70
C PHE A 101 -17.53 -11.82 -0.15
N ARG A 102 -17.23 -13.07 -0.49
CA ARG A 102 -16.04 -13.73 -0.02
C ARG A 102 -14.85 -13.79 -0.99
N SER A 103 -14.88 -12.93 -2.02
CA SER A 103 -13.81 -12.83 -3.00
C SER A 103 -13.25 -11.40 -2.95
N GLY A 104 -11.95 -11.28 -2.67
CA GLY A 104 -11.30 -9.97 -2.53
C GLY A 104 -10.17 -9.70 -3.52
N LEU A 105 -9.60 -8.51 -3.41
CA LEU A 105 -8.55 -8.02 -4.27
C LEU A 105 -7.50 -7.27 -3.47
N VAL A 106 -6.24 -7.71 -3.56
CA VAL A 106 -5.11 -7.11 -2.84
C VAL A 106 -4.03 -6.98 -3.94
N VAL A 107 -3.91 -5.78 -4.49
N VAL A 107 -3.91 -5.78 -4.49
CA VAL A 107 -2.99 -5.50 -5.59
CA VAL A 107 -2.99 -5.50 -5.59
C VAL A 107 -2.32 -4.14 -5.38
C VAL A 107 -2.32 -4.14 -5.38
N GLY A 108 -1.01 -4.09 -5.59
CA GLY A 108 -0.28 -2.85 -5.39
C GLY A 108 0.67 -2.45 -6.48
N SER A 109 1.26 -1.26 -6.30
N SER A 109 1.26 -1.27 -6.31
CA SER A 109 2.22 -0.72 -7.22
CA SER A 109 2.25 -0.76 -7.23
C SER A 109 3.28 -0.07 -6.34
C SER A 109 3.28 -0.10 -6.33
N GLY A 110 4.54 -0.11 -6.77
CA GLY A 110 5.61 0.51 -5.98
C GLY A 110 5.58 2.01 -6.11
N GLY A 111 5.22 2.49 -7.29
CA GLY A 111 5.21 3.93 -7.54
C GLY A 111 3.94 4.65 -7.96
N GLY A 112 2.83 3.94 -8.14
CA GLY A 112 1.57 4.56 -8.57
C GLY A 112 1.74 4.94 -10.04
N SER A 113 1.64 6.22 -10.37
CA SER A 113 1.84 6.65 -11.77
C SER A 113 2.48 8.03 -11.90
N PRO A 114 3.83 8.08 -11.82
CA PRO A 114 4.51 9.36 -11.97
C PRO A 114 4.26 9.97 -13.33
N ARG A 115 4.10 9.16 -14.36
CA ARG A 115 3.80 9.71 -15.69
C ARG A 115 2.49 10.50 -15.72
N ASN A 116 1.43 9.92 -15.18
CA ASN A 116 0.14 10.64 -15.17
C ASN A 116 0.19 11.80 -14.21
N GLN A 117 0.75 11.58 -13.02
CA GLN A 117 0.89 12.66 -12.07
C GLN A 117 1.58 13.89 -12.72
N VAL A 118 2.69 13.63 -13.39
CA VAL A 118 3.45 14.70 -14.06
C VAL A 118 2.67 15.31 -15.22
N ALA A 119 1.94 14.50 -15.97
CA ALA A 119 1.13 15.00 -17.09
C ALA A 119 0.10 15.99 -16.54
N GLY A 120 -0.51 15.63 -15.43
CA GLY A 120 -1.51 16.47 -14.79
C GLY A 120 -0.94 17.78 -14.30
N SER A 121 0.18 17.71 -13.58
CA SER A 121 0.84 18.91 -13.05
C SER A 121 1.36 19.80 -14.19
N ASP A 122 1.81 19.21 -15.29
CA ASP A 122 2.25 20.01 -16.45
C ASP A 122 1.04 20.77 -17.02
N ALA A 123 -0.07 20.07 -17.19
CA ALA A 123 -1.29 20.68 -17.72
C ALA A 123 -1.82 21.79 -16.85
N MSE A 124 -1.71 21.61 -15.54
CA MSE A 124 -2.20 22.59 -14.59
C MSE A 124 -1.40 23.89 -14.71
O MSE A 124 -1.91 24.96 -14.43
CB MSE A 124 -2.10 22.03 -13.15
CG MSE A 124 -2.93 22.80 -12.19
SE MSE A 124 -4.83 22.59 -12.63
CE MSE A 124 -5.47 24.05 -11.53
N ARG A 125 -0.14 23.78 -15.14
CA ARG A 125 0.73 24.94 -15.31
C ARG A 125 0.67 25.53 -16.72
N THR A 126 -0.35 25.16 -17.49
CA THR A 126 -0.53 25.72 -18.84
C THR A 126 -1.97 26.22 -18.91
N PRO A 127 -2.36 26.86 -20.04
CA PRO A 127 -3.73 27.32 -20.12
C PRO A 127 -4.79 26.19 -20.09
N ARG A 128 -4.38 24.94 -20.22
CA ARG A 128 -5.33 23.84 -20.19
C ARG A 128 -5.99 23.72 -18.82
N GLY A 129 -5.23 24.04 -17.77
CA GLY A 129 -5.75 24.00 -16.40
C GLY A 129 -6.44 22.72 -16.01
N LEU A 130 -7.48 22.86 -15.19
CA LEU A 130 -8.27 21.73 -14.67
C LEU A 130 -8.83 20.82 -15.75
N LYS A 131 -9.21 21.37 -16.89
CA LYS A 131 -9.72 20.53 -17.99
C LYS A 131 -8.58 19.70 -18.56
N GLY A 132 -7.36 20.22 -18.51
CA GLY A 132 -6.18 19.49 -18.99
C GLY A 132 -5.85 18.34 -18.05
N VAL A 133 -6.16 18.50 -16.77
CA VAL A 133 -5.91 17.44 -15.79
C VAL A 133 -6.95 16.34 -16.03
N GLY A 134 -8.19 16.73 -16.28
CA GLY A 134 -9.24 15.76 -16.54
C GLY A 134 -9.85 15.21 -15.27
N PRO A 135 -11.03 14.62 -15.36
CA PRO A 135 -11.67 14.11 -14.16
C PRO A 135 -11.31 12.70 -13.69
N TYR A 136 -10.37 12.04 -14.37
CA TYR A 136 -10.00 10.66 -14.03
C TYR A 136 -8.57 10.54 -13.46
N MSE A 137 -7.98 11.67 -13.10
CA MSE A 137 -6.62 11.67 -12.62
C MSE A 137 -6.43 11.00 -11.24
O MSE A 137 -5.39 10.39 -10.96
CB MSE A 137 -6.11 13.11 -12.62
CG MSE A 137 -4.66 13.26 -12.32
SE MSE A 137 -3.55 12.16 -13.52
CE MSE A 137 -4.17 12.65 -15.21
N VAL A 138 -7.44 11.10 -10.38
CA VAL A 138 -7.35 10.52 -9.04
C VAL A 138 -7.07 9.02 -9.10
N THR A 139 -7.78 8.29 -9.93
CA THR A 139 -7.57 6.85 -10.04
C THR A 139 -6.29 6.53 -10.80
N LYS A 140 -5.83 7.44 -11.66
CA LYS A 140 -4.60 7.17 -12.38
C LYS A 140 -3.37 7.42 -11.50
N ALA A 141 -3.40 8.51 -10.72
CA ALA A 141 -2.27 8.94 -9.90
C ALA A 141 -2.18 8.55 -8.42
N MSE A 142 -3.29 8.21 -7.76
N MSE A 142 -3.29 8.15 -7.80
CA MSE A 142 -3.19 7.82 -6.35
CA MSE A 142 -3.24 7.76 -6.39
C MSE A 142 -2.53 6.44 -6.19
C MSE A 142 -2.52 6.42 -6.20
O MSE A 142 -2.59 5.61 -7.10
O MSE A 142 -2.54 5.57 -7.11
CB MSE A 142 -4.56 7.87 -5.65
CB MSE A 142 -4.66 7.69 -5.83
CG MSE A 142 -5.18 9.26 -5.60
CG MSE A 142 -5.44 6.47 -6.31
SE MSE A 142 -4.29 10.60 -4.48
SE MSE A 142 -7.32 6.55 -5.76
CE MSE A 142 -5.35 12.12 -5.04
CE MSE A 142 -7.00 7.20 -3.95
N ALA A 143 -1.90 6.21 -5.04
CA ALA A 143 -1.18 4.97 -4.77
C ALA A 143 -2.04 3.72 -4.91
N SER A 144 -3.31 3.83 -4.56
CA SER A 144 -4.27 2.73 -4.63
C SER A 144 -4.91 2.56 -6.02
N GLY A 145 -4.41 3.30 -7.00
CA GLY A 145 -4.99 3.23 -8.33
C GLY A 145 -5.18 1.85 -8.88
N VAL A 146 -4.20 0.98 -8.68
CA VAL A 146 -4.26 -0.36 -9.25
C VAL A 146 -5.37 -1.18 -8.61
N SER A 147 -5.68 -0.99 -7.34
CA SER A 147 -6.78 -1.77 -6.74
C SER A 147 -8.11 -1.12 -7.13
N ALA A 148 -8.16 0.20 -7.12
CA ALA A 148 -9.39 0.90 -7.46
C ALA A 148 -9.83 0.60 -8.91
N CYS A 149 -8.88 0.64 -9.85
CA CYS A 149 -9.22 0.39 -11.27
C CYS A 149 -9.67 -0.99 -11.63
N LEU A 150 -9.33 -1.96 -10.78
CA LEU A 150 -9.72 -3.35 -11.00
C LEU A 150 -10.97 -3.77 -10.22
N ALA A 151 -11.13 -3.26 -9.01
CA ALA A 151 -12.28 -3.60 -8.16
C ALA A 151 -13.62 -3.28 -8.82
N THR A 152 -13.69 -2.13 -9.47
CA THR A 152 -14.95 -1.74 -10.11
C THR A 152 -15.34 -2.61 -11.30
N PRO A 153 -14.49 -2.67 -12.35
CA PRO A 153 -14.87 -3.47 -13.51
C PRO A 153 -15.19 -4.91 -13.17
N PHE A 154 -14.45 -5.52 -12.24
CA PHE A 154 -14.71 -6.91 -11.85
C PHE A 154 -15.78 -7.07 -10.76
N LYS A 155 -16.36 -5.95 -10.32
CA LYS A 155 -17.43 -5.97 -9.32
C LYS A 155 -17.03 -6.70 -8.02
N ILE A 156 -15.81 -6.40 -7.55
CA ILE A 156 -15.29 -6.99 -6.33
C ILE A 156 -16.10 -6.50 -5.14
N LYS A 157 -16.51 -7.45 -4.30
CA LYS A 157 -17.32 -7.17 -3.11
C LYS A 157 -16.61 -7.43 -1.80
N GLY A 158 -15.52 -8.18 -1.84
CA GLY A 158 -14.75 -8.50 -0.62
C GLY A 158 -13.75 -7.40 -0.33
N VAL A 159 -12.57 -7.77 0.19
CA VAL A 159 -11.56 -6.77 0.49
C VAL A 159 -11.08 -6.13 -0.79
N ASN A 160 -10.66 -4.86 -0.69
CA ASN A 160 -10.20 -4.06 -1.81
C ASN A 160 -9.21 -3.02 -1.32
N TYR A 161 -7.93 -3.28 -1.54
CA TYR A 161 -6.91 -2.33 -1.16
C TYR A 161 -5.57 -2.72 -1.75
N SER A 162 -4.63 -1.80 -1.65
CA SER A 162 -3.30 -2.00 -2.14
C SER A 162 -2.30 -2.06 -0.98
N ILE A 163 -1.28 -2.90 -1.16
CA ILE A 163 -0.19 -2.99 -0.22
C ILE A 163 0.97 -2.49 -1.07
N SER A 164 1.81 -1.62 -0.49
CA SER A 164 2.95 -1.09 -1.20
C SER A 164 4.19 -1.29 -0.31
N SER A 165 5.31 -1.66 -0.92
CA SER A 165 6.53 -1.93 -0.17
C SER A 165 7.69 -2.12 -1.14
N ALA A 166 7.80 -1.16 -2.05
CA ALA A 166 8.82 -1.17 -3.07
C ALA A 166 8.91 -2.54 -3.79
N CYS A 167 10.10 -3.14 -3.80
N CYS A 167 10.10 -3.12 -3.85
CA CYS A 167 10.35 -4.40 -4.49
CA CYS A 167 10.30 -4.41 -4.52
C CYS A 167 9.54 -5.58 -3.95
C CYS A 167 9.49 -5.56 -3.96
N ALA A 168 9.09 -5.46 -2.70
CA ALA A 168 8.33 -6.54 -2.04
C ALA A 168 6.81 -6.43 -2.20
N THR A 169 6.35 -5.33 -2.80
CA THR A 169 4.92 -5.01 -3.00
C THR A 169 3.96 -6.16 -3.25
N SER A 170 4.11 -6.85 -4.38
CA SER A 170 3.21 -7.93 -4.75
C SER A 170 3.46 -9.25 -4.02
N ALA A 171 4.63 -9.41 -3.40
CA ALA A 171 4.94 -10.57 -2.60
C ALA A 171 4.10 -10.40 -1.31
N HIS A 172 4.10 -9.19 -0.76
CA HIS A 172 3.31 -8.91 0.43
C HIS A 172 1.81 -9.05 0.11
N CYS A 173 1.41 -8.72 -1.11
CA CYS A 173 0.01 -8.88 -1.53
C CYS A 173 -0.44 -10.36 -1.47
N ILE A 174 0.42 -11.26 -1.97
CA ILE A 174 0.14 -12.69 -2.00
C ILE A 174 0.13 -13.27 -0.59
N GLY A 175 1.10 -12.87 0.23
CA GLY A 175 1.18 -13.32 1.61
C GLY A 175 -0.05 -12.90 2.38
N HIS A 176 -0.47 -11.65 2.19
CA HIS A 176 -1.65 -11.15 2.87
C HIS A 176 -2.90 -11.89 2.41
N ALA A 177 -2.93 -12.28 1.14
CA ALA A 177 -4.06 -13.07 0.64
C ALA A 177 -4.10 -14.38 1.45
N LEU A 178 -2.92 -14.98 1.71
CA LEU A 178 -2.85 -16.21 2.53
C LEU A 178 -3.43 -15.95 3.92
N GLU A 179 -3.08 -14.79 4.49
CA GLU A 179 -3.55 -14.41 5.82
C GLU A 179 -5.07 -14.27 5.84
N LEU A 180 -5.65 -13.62 4.84
CA LEU A 180 -7.10 -13.45 4.79
C LEU A 180 -7.82 -14.82 4.72
N ILE A 181 -7.25 -15.76 3.97
CA ILE A 181 -7.80 -17.11 3.87
C ILE A 181 -7.63 -17.80 5.22
N GLN A 182 -6.46 -17.67 5.82
CA GLN A 182 -6.21 -18.26 7.15
C GLN A 182 -7.15 -17.74 8.23
N LEU A 183 -7.47 -16.44 8.18
CA LEU A 183 -8.38 -15.84 9.16
C LEU A 183 -9.85 -16.22 8.88
N GLY A 184 -10.12 -16.90 7.77
CA GLY A 184 -11.48 -17.32 7.38
C GLY A 184 -12.33 -16.17 6.82
N LYS A 185 -11.66 -15.08 6.45
CA LYS A 185 -12.35 -13.87 5.97
C LYS A 185 -12.75 -13.88 4.50
N GLN A 186 -11.99 -14.61 3.70
CA GLN A 186 -12.24 -14.68 2.27
C GLN A 186 -11.97 -16.12 1.79
N ASP A 187 -12.62 -16.48 0.69
CA ASP A 187 -12.43 -17.78 0.03
C ASP A 187 -11.56 -17.64 -1.21
N ILE A 188 -11.59 -16.45 -1.80
CA ILE A 188 -10.80 -16.11 -2.97
C ILE A 188 -10.25 -14.72 -2.81
N VAL A 189 -8.97 -14.56 -3.16
CA VAL A 189 -8.32 -13.26 -3.15
C VAL A 189 -7.43 -13.17 -4.40
N PHE A 190 -7.72 -12.20 -5.26
CA PHE A 190 -6.92 -11.94 -6.43
C PHE A 190 -5.79 -11.08 -5.90
N ALA A 191 -4.56 -11.58 -5.97
CA ALA A 191 -3.38 -10.86 -5.46
C ALA A 191 -2.34 -10.63 -6.54
N GLY A 192 -1.73 -9.46 -6.52
CA GLY A 192 -0.74 -9.15 -7.53
C GLY A 192 -0.28 -7.73 -7.51
N GLY A 193 0.15 -7.26 -8.67
CA GLY A 193 0.66 -5.91 -8.78
C GLY A 193 0.88 -5.47 -10.20
N GLY A 194 1.19 -4.19 -10.32
CA GLY A 194 1.46 -3.59 -11.62
C GLY A 194 2.48 -2.49 -11.45
N GLU A 195 3.20 -2.19 -12.52
CA GLU A 195 4.16 -1.14 -12.44
C GLU A 195 4.34 -0.58 -13.84
N GLU A 196 4.23 0.75 -13.97
CA GLU A 196 4.45 1.37 -15.28
C GLU A 196 5.97 1.52 -15.50
N LEU A 197 6.36 1.74 -16.76
CA LEU A 197 7.76 1.91 -17.13
C LEU A 197 7.84 3.29 -17.80
N CYS A 198 8.58 4.21 -17.18
CA CYS A 198 8.67 5.58 -17.67
C CYS A 198 9.90 6.31 -17.14
N TRP A 199 10.39 7.30 -17.88
CA TRP A 199 11.56 8.07 -17.43
C TRP A 199 11.22 8.86 -16.17
N GLU A 200 9.95 9.26 -16.02
CA GLU A 200 9.54 10.02 -14.85
C GLU A 200 9.90 9.30 -13.55
N MSE A 201 9.76 7.99 -13.52
CA MSE A 201 10.12 7.25 -12.32
C MSE A 201 11.54 6.69 -12.40
O MSE A 201 12.28 6.73 -11.41
CB MSE A 201 9.15 6.10 -12.07
CG MSE A 201 9.43 5.44 -10.74
SE MSE A 201 8.14 4.01 -10.44
CE MSE A 201 8.55 2.97 -11.90
N ALA A 202 11.91 6.20 -13.56
CA ALA A 202 13.24 5.61 -13.72
C ALA A 202 14.39 6.58 -13.41
N CYS A 203 14.21 7.87 -13.70
CA CYS A 203 15.28 8.83 -13.46
C CYS A 203 15.62 8.95 -11.96
N GLU A 204 14.64 8.65 -11.11
CA GLU A 204 14.85 8.69 -9.66
C GLU A 204 15.85 7.61 -9.29
N PHE A 205 15.71 6.44 -9.91
CA PHE A 205 16.61 5.32 -9.65
C PHE A 205 17.99 5.58 -10.23
N ASP A 206 18.04 6.20 -11.40
CA ASP A 206 19.31 6.49 -12.04
C ASP A 206 20.04 7.55 -11.21
N ALA A 207 19.28 8.52 -10.67
CA ALA A 207 19.87 9.60 -9.87
C ALA A 207 20.49 9.08 -8.58
N MSE A 208 20.06 7.91 -8.13
CA MSE A 208 20.67 7.33 -6.92
C MSE A 208 21.76 6.31 -7.27
O MSE A 208 22.38 5.72 -6.37
CB MSE A 208 19.63 6.73 -5.96
CG MSE A 208 18.75 5.65 -6.52
SE MSE A 208 17.79 4.69 -5.11
CE MSE A 208 19.34 3.87 -4.30
N GLY A 209 22.01 6.10 -8.56
CA GLY A 209 23.03 5.16 -9.03
C GLY A 209 22.64 3.70 -8.99
N ALA A 210 21.35 3.43 -8.89
CA ALA A 210 20.85 2.06 -8.80
C ALA A 210 20.77 1.31 -10.11
N LEU A 211 20.72 2.04 -11.23
CA LEU A 211 20.57 1.38 -12.54
C LEU A 211 21.86 1.12 -13.30
N SER A 212 21.83 0.05 -14.08
CA SER A 212 22.95 -0.36 -14.94
C SER A 212 23.18 0.71 -16.00
N THR A 213 24.45 1.11 -16.20
CA THR A 213 24.76 2.10 -17.18
C THR A 213 25.94 1.71 -18.05
N LYS A 214 26.64 0.63 -17.73
CA LYS A 214 27.84 0.25 -18.50
C LYS A 214 27.64 -0.77 -19.61
N TYR A 215 26.40 -1.17 -19.85
CA TYR A 215 26.08 -2.16 -20.87
C TYR A 215 25.01 -1.68 -21.85
N ASN A 216 24.88 -0.36 -22.01
CA ASN A 216 23.86 0.17 -22.91
C ASN A 216 23.99 -0.31 -24.35
N ASP A 217 25.21 -0.61 -24.78
CA ASP A 217 25.45 -1.07 -26.15
C ASP A 217 25.15 -2.54 -26.37
N THR A 218 24.94 -3.28 -25.28
CA THR A 218 24.62 -4.71 -25.33
C THR A 218 23.57 -4.91 -24.23
N PRO A 219 22.35 -4.43 -24.47
CA PRO A 219 21.27 -4.48 -23.49
C PRO A 219 20.99 -5.85 -22.85
N ALA A 220 21.00 -6.94 -23.62
CA ALA A 220 20.73 -8.25 -23.06
C ALA A 220 21.78 -8.74 -22.07
N LYS A 221 22.92 -8.05 -21.99
CA LYS A 221 23.97 -8.45 -21.06
C LYS A 221 24.04 -7.57 -19.78
N ALA A 222 23.20 -6.53 -19.72
CA ALA A 222 23.18 -5.57 -18.62
C ALA A 222 22.78 -6.13 -17.27
N SER A 223 21.72 -6.94 -17.26
CA SER A 223 21.22 -7.51 -16.01
C SER A 223 21.97 -8.84 -15.82
N ARG A 224 22.74 -8.95 -14.76
CA ARG A 224 23.61 -10.10 -14.57
C ARG A 224 23.86 -10.40 -13.13
N THR A 225 22.80 -10.75 -12.44
CA THR A 225 22.84 -11.08 -11.03
C THR A 225 23.93 -12.07 -10.67
N TYR A 226 24.65 -11.74 -9.61
CA TYR A 226 25.75 -12.56 -9.07
C TYR A 226 27.03 -12.59 -9.93
N ASP A 227 27.04 -11.84 -11.02
CA ASP A 227 28.25 -11.76 -11.85
C ASP A 227 29.17 -10.69 -11.25
N GLN A 228 30.47 -10.93 -11.28
CA GLN A 228 31.41 -9.96 -10.72
C GLN A 228 31.34 -8.56 -11.31
N ASP A 229 30.96 -8.44 -12.58
CA ASP A 229 30.92 -7.14 -13.27
C ASP A 229 29.54 -6.47 -13.36
N ARG A 230 28.65 -6.86 -12.47
CA ARG A 230 27.31 -6.27 -12.42
C ARG A 230 27.48 -4.81 -12.01
N ASP A 231 26.55 -3.94 -12.44
CA ASP A 231 26.65 -2.53 -12.11
C ASP A 231 25.31 -1.86 -11.89
N GLY A 232 24.32 -2.58 -11.37
CA GLY A 232 23.00 -2.01 -11.14
C GLY A 232 21.89 -2.79 -11.81
N PHE A 233 20.65 -2.56 -11.40
CA PHE A 233 19.55 -3.29 -11.98
C PHE A 233 19.02 -2.64 -13.25
N VAL A 234 18.22 -3.39 -14.00
CA VAL A 234 17.61 -2.90 -15.22
C VAL A 234 16.14 -2.78 -14.87
N ILE A 235 15.63 -1.56 -14.91
CA ILE A 235 14.24 -1.31 -14.55
C ILE A 235 13.29 -1.88 -15.60
N ALA A 236 12.15 -2.39 -15.14
CA ALA A 236 11.18 -3.03 -16.01
C ALA A 236 9.77 -2.73 -15.56
N GLY A 237 8.79 -3.09 -16.38
CA GLY A 237 7.41 -2.85 -16.02
C GLY A 237 6.58 -4.10 -16.17
N GLY A 238 5.28 -3.99 -15.89
CA GLY A 238 4.40 -5.12 -16.08
C GLY A 238 3.36 -5.34 -15.01
N GLY A 239 2.70 -6.48 -15.09
CA GLY A 239 1.68 -6.81 -14.12
C GLY A 239 1.53 -8.29 -14.00
N GLY A 240 0.98 -8.70 -12.87
CA GLY A 240 0.75 -10.11 -12.64
C GLY A 240 -0.35 -10.28 -11.62
N MSE A 241 -1.03 -11.40 -11.69
CA MSE A 241 -2.11 -11.69 -10.78
C MSE A 241 -2.18 -13.20 -10.56
O MSE A 241 -1.97 -13.97 -11.50
CB MSE A 241 -3.43 -11.22 -11.40
CG MSE A 241 -4.62 -11.06 -10.49
SE MSE A 241 -4.36 -9.60 -9.18
CE MSE A 241 -3.64 -8.30 -10.21
N VAL A 242 -2.44 -13.62 -9.34
CA VAL A 242 -2.62 -15.02 -9.01
C VAL A 242 -3.93 -15.08 -8.27
N VAL A 243 -4.65 -16.20 -8.45
CA VAL A 243 -5.90 -16.38 -7.78
C VAL A 243 -5.56 -17.25 -6.57
N VAL A 244 -5.68 -16.67 -5.37
CA VAL A 244 -5.37 -17.40 -4.14
C VAL A 244 -6.72 -17.89 -3.64
N GLU A 245 -6.83 -19.18 -3.32
CA GLU A 245 -8.11 -19.73 -2.95
C GLU A 245 -8.05 -20.70 -1.76
N GLU A 246 -9.07 -20.69 -0.92
CA GLU A 246 -9.14 -21.60 0.22
C GLU A 246 -9.23 -23.02 -0.36
N LEU A 247 -8.43 -23.93 0.18
CA LEU A 247 -8.35 -25.30 -0.30
C LEU A 247 -9.66 -26.04 -0.55
N GLU A 248 -10.55 -26.09 0.44
CA GLU A 248 -11.81 -26.83 0.25
C GLU A 248 -12.69 -26.23 -0.84
N HIS A 249 -12.65 -24.91 -0.96
CA HIS A 249 -13.40 -24.22 -1.97
C HIS A 249 -12.88 -24.60 -3.37
N ALA A 250 -11.56 -24.65 -3.51
CA ALA A 250 -10.93 -25.01 -4.80
C ALA A 250 -11.26 -26.47 -5.16
N LEU A 251 -11.11 -27.37 -4.19
CA LEU A 251 -11.41 -28.79 -4.42
C LEU A 251 -12.87 -28.98 -4.79
N ALA A 252 -13.76 -28.28 -4.08
CA ALA A 252 -15.20 -28.37 -4.30
C ALA A 252 -15.61 -28.02 -5.72
N ARG A 253 -14.89 -27.12 -6.37
CA ARG A 253 -15.27 -26.75 -7.73
C ARG A 253 -14.44 -27.43 -8.82
N GLY A 254 -13.49 -28.26 -8.43
CA GLY A 254 -12.65 -28.95 -9.42
C GLY A 254 -11.58 -28.05 -10.03
N ALA A 255 -11.09 -27.09 -9.23
CA ALA A 255 -10.07 -26.16 -9.67
C ALA A 255 -8.75 -26.83 -9.96
N HIS A 256 -7.98 -26.23 -10.86
CA HIS A 256 -6.66 -26.71 -11.14
C HIS A 256 -5.77 -26.09 -10.06
N ILE A 257 -5.03 -26.89 -9.31
CA ILE A 257 -4.15 -26.35 -8.26
C ILE A 257 -2.68 -26.37 -8.67
N TYR A 258 -2.10 -25.17 -8.88
CA TYR A 258 -0.69 -25.05 -9.22
C TYR A 258 0.17 -25.42 -8.03
N ALA A 259 -0.18 -24.86 -6.88
CA ALA A 259 0.56 -25.11 -5.66
C ALA A 259 -0.18 -24.59 -4.46
N GLU A 260 0.32 -24.95 -3.29
CA GLU A 260 -0.22 -24.49 -2.04
C GLU A 260 0.78 -23.50 -1.51
N ILE A 261 0.30 -22.41 -0.91
CA ILE A 261 1.18 -21.42 -0.30
C ILE A 261 1.42 -21.97 1.11
N VAL A 262 2.59 -22.54 1.35
CA VAL A 262 2.89 -23.16 2.64
C VAL A 262 3.70 -22.33 3.60
N GLY A 263 4.23 -21.23 3.13
CA GLY A 263 5.01 -20.36 3.98
C GLY A 263 5.02 -18.94 3.48
N TYR A 264 5.09 -18.01 4.43
CA TYR A 264 5.13 -16.58 4.15
C TYR A 264 5.85 -15.84 5.27
N GLY A 265 6.92 -15.17 4.89
CA GLY A 265 7.69 -14.37 5.81
C GLY A 265 7.64 -12.91 5.42
N ALA A 266 7.59 -12.04 6.44
CA ALA A 266 7.57 -10.60 6.25
C ALA A 266 8.31 -10.02 7.45
N THR A 267 9.44 -9.37 7.21
CA THR A 267 10.26 -8.81 8.28
C THR A 267 10.80 -7.47 7.81
N SER A 268 11.57 -6.83 8.67
CA SER A 268 12.13 -5.52 8.38
C SER A 268 13.57 -5.52 8.86
N ASP A 269 14.45 -4.82 8.15
CA ASP A 269 15.87 -4.77 8.52
C ASP A 269 16.12 -3.83 9.70
N GLY A 270 15.40 -2.72 9.75
CA GLY A 270 15.57 -1.75 10.84
C GLY A 270 17.00 -1.21 10.80
N ALA A 271 17.43 -0.88 9.58
CA ALA A 271 18.76 -0.36 9.25
C ALA A 271 18.74 0.04 7.77
N ASP A 272 19.75 0.78 7.35
CA ASP A 272 19.94 1.28 5.96
C ASP A 272 18.65 1.45 5.14
N MSE A 273 18.44 2.68 4.69
CA MSE A 273 17.26 3.04 3.93
C MSE A 273 17.18 2.48 2.50
O MSE A 273 16.07 2.23 2.00
CB MSE A 273 17.23 4.57 3.81
CG MSE A 273 15.91 5.09 3.32
SE MSE A 273 14.60 4.76 4.70
CE MSE A 273 15.36 5.96 6.05
N VAL A 274 18.32 2.27 1.85
CA VAL A 274 18.33 1.79 0.46
C VAL A 274 18.84 0.36 0.18
N ALA A 275 19.82 -0.11 0.96
CA ALA A 275 20.36 -1.46 0.74
C ALA A 275 19.97 -2.44 1.86
N PRO A 276 19.93 -3.74 1.55
CA PRO A 276 19.58 -4.76 2.53
C PRO A 276 20.69 -5.02 3.54
N SER A 277 20.32 -5.48 4.73
CA SER A 277 21.29 -5.79 5.79
C SER A 277 21.61 -7.29 5.89
N GLY A 278 20.73 -8.13 5.32
CA GLY A 278 20.93 -9.60 5.38
C GLY A 278 20.30 -10.28 6.60
N GLU A 279 20.41 -9.65 7.77
CA GLU A 279 19.86 -10.24 8.99
C GLU A 279 18.31 -10.29 8.96
N GLY A 280 17.67 -9.24 8.46
CA GLY A 280 16.22 -9.23 8.34
C GLY A 280 15.80 -10.28 7.28
N ALA A 281 16.63 -10.45 6.24
CA ALA A 281 16.37 -11.43 5.16
C ALA A 281 16.48 -12.85 5.71
N VAL A 282 17.43 -13.08 6.61
CA VAL A 282 17.57 -14.39 7.24
C VAL A 282 16.31 -14.73 8.02
N ARG A 283 15.82 -13.78 8.82
CA ARG A 283 14.64 -14.05 9.61
C ARG A 283 13.41 -14.27 8.74
N CYS A 284 13.36 -13.56 7.61
CA CYS A 284 12.25 -13.65 6.70
C CYS A 284 12.20 -15.03 6.07
N MSE A 285 13.34 -15.55 5.62
CA MSE A 285 13.38 -16.88 5.02
C MSE A 285 13.00 -17.93 6.07
O MSE A 285 12.21 -18.84 5.78
CB MSE A 285 14.74 -17.16 4.39
CG MSE A 285 14.99 -16.40 3.08
SE MSE A 285 16.69 -16.87 2.25
CE MSE A 285 17.80 -15.60 3.13
N GLN A 286 13.57 -17.81 7.27
CA GLN A 286 13.29 -18.74 8.34
C GLN A 286 11.81 -18.75 8.73
N MSE A 287 11.18 -17.58 8.72
CA MSE A 287 9.77 -17.49 9.04
C MSE A 287 8.92 -18.20 7.99
O MSE A 287 7.92 -18.87 8.30
CB MSE A 287 9.34 -16.02 9.12
CG MSE A 287 7.87 -15.79 9.50
SE MSE A 287 7.48 -13.90 9.66
CE MSE A 287 8.89 -13.42 10.88
N ALA A 288 9.30 -18.06 6.72
CA ALA A 288 8.54 -18.69 5.66
C ALA A 288 8.74 -20.21 5.63
N MSE A 289 9.85 -20.68 6.17
CA MSE A 289 10.15 -22.10 6.19
C MSE A 289 9.59 -22.79 7.42
O MSE A 289 9.61 -24.01 7.49
CB MSE A 289 11.68 -22.29 6.13
CG MSE A 289 12.31 -21.73 4.84
SE MSE A 289 14.26 -21.57 5.07
CE MSE A 289 14.53 -23.50 5.41
N ALA A 290 9.09 -22.01 8.40
CA ALA A 290 8.54 -22.56 9.63
C ALA A 290 7.39 -23.51 9.36
N GLY A 291 7.49 -24.74 9.86
CA GLY A 291 6.42 -25.70 9.65
C GLY A 291 6.45 -26.44 8.31
N VAL A 292 7.32 -26.03 7.37
CA VAL A 292 7.40 -26.70 6.06
C VAL A 292 8.24 -27.98 6.21
N ASP A 293 7.58 -29.13 6.05
CA ASP A 293 8.24 -30.42 6.24
C ASP A 293 8.92 -31.05 5.02
N THR A 294 9.37 -30.22 4.10
CA THR A 294 10.07 -30.68 2.90
C THR A 294 11.23 -29.69 2.66
N PRO A 295 12.27 -30.13 1.98
CA PRO A 295 13.35 -29.23 1.68
C PRO A 295 12.94 -28.26 0.54
N ILE A 296 13.66 -27.15 0.42
CA ILE A 296 13.42 -26.17 -0.63
C ILE A 296 14.25 -26.64 -1.83
N ASP A 297 13.57 -26.97 -2.91
CA ASP A 297 14.22 -27.49 -4.10
C ASP A 297 14.79 -26.40 -4.99
N TYR A 298 14.10 -25.27 -5.06
CA TYR A 298 14.52 -24.14 -5.90
C TYR A 298 14.17 -22.81 -5.25
N MSE A 299 15.02 -21.82 -5.45
CA MSE A 299 14.77 -20.50 -4.92
C MSE A 299 15.01 -19.45 -5.98
O MSE A 299 16.05 -19.43 -6.62
CB MSE A 299 15.68 -20.23 -3.70
CG MSE A 299 15.73 -18.78 -3.27
SE MSE A 299 16.77 -18.67 -1.57
CE MSE A 299 17.99 -19.85 -2.04
N ASN A 300 14.00 -18.59 -6.15
CA ASN A 300 14.06 -17.49 -7.09
C ASN A 300 14.48 -16.32 -6.19
N VAL A 301 15.74 -15.97 -6.33
CA VAL A 301 16.32 -14.96 -5.48
C VAL A 301 15.83 -13.58 -5.79
N HIS A 302 16.05 -12.68 -4.84
CA HIS A 302 15.70 -11.29 -5.03
C HIS A 302 16.67 -10.71 -6.05
N GLY A 303 17.93 -11.11 -5.93
CA GLY A 303 19.06 -10.72 -6.76
C GLY A 303 18.77 -9.82 -7.93
N THR A 304 18.96 -8.52 -7.73
CA THR A 304 18.67 -7.54 -8.77
C THR A 304 19.84 -7.13 -9.68
N SER A 305 21.06 -7.56 -9.37
CA SER A 305 22.25 -7.23 -10.17
C SER A 305 22.92 -5.93 -9.68
N THR A 306 22.75 -5.61 -8.40
CA THR A 306 23.40 -4.43 -7.82
C THR A 306 24.63 -4.97 -7.08
N PRO A 307 25.74 -4.22 -7.05
CA PRO A 307 26.93 -4.73 -6.34
C PRO A 307 26.72 -5.06 -4.84
N VAL A 308 26.12 -4.14 -4.09
CA VAL A 308 25.88 -4.33 -2.66
C VAL A 308 24.72 -5.27 -2.35
N GLY A 309 23.59 -5.03 -2.99
CA GLY A 309 22.40 -5.84 -2.80
C GLY A 309 22.60 -7.33 -3.00
N ASP A 310 23.22 -7.71 -4.10
CA ASP A 310 23.44 -9.12 -4.38
C ASP A 310 24.26 -9.76 -3.26
N VAL A 311 25.32 -9.08 -2.82
CA VAL A 311 26.19 -9.61 -1.75
C VAL A 311 25.47 -9.79 -0.41
N LYS A 312 24.62 -8.84 -0.05
CA LYS A 312 23.86 -8.97 1.21
C LYS A 312 22.95 -10.20 1.16
N GLU A 313 22.28 -10.41 0.03
CA GLU A 313 21.42 -11.58 -0.11
C GLU A 313 22.21 -12.89 -0.02
N LEU A 314 23.34 -12.98 -0.72
CA LEU A 314 24.18 -14.20 -0.70
C LEU A 314 24.59 -14.52 0.76
N GLY A 315 24.95 -13.50 1.52
CA GLY A 315 25.33 -13.66 2.93
C GLY A 315 24.15 -14.21 3.73
N ALA A 316 22.95 -13.74 3.42
CA ALA A 316 21.77 -14.22 4.12
C ALA A 316 21.52 -15.67 3.73
N ILE A 317 21.63 -15.98 2.44
CA ILE A 317 21.43 -17.34 1.98
C ILE A 317 22.40 -18.30 2.65
N ARG A 318 23.66 -17.90 2.75
CA ARG A 318 24.65 -18.77 3.38
C ARG A 318 24.36 -18.99 4.86
N GLU A 319 23.80 -17.98 5.52
CA GLU A 319 23.47 -18.12 6.94
C GLU A 319 22.31 -19.11 7.11
N VAL A 320 21.40 -19.20 6.13
CA VAL A 320 20.28 -20.11 6.24
C VAL A 320 20.59 -21.54 5.75
N PHE A 321 21.33 -21.66 4.63
CA PHE A 321 21.63 -22.96 4.05
C PHE A 321 23.11 -23.36 3.96
N GLY A 322 24.03 -22.48 4.34
CA GLY A 322 25.46 -22.80 4.17
C GLY A 322 25.58 -22.90 2.65
N ASN A 323 26.39 -23.82 2.13
CA ASN A 323 26.49 -24.01 0.68
C ASN A 323 25.43 -25.00 0.20
N ASN A 324 24.69 -25.57 1.15
CA ASN A 324 23.64 -26.53 0.80
C ASN A 324 22.35 -25.82 0.43
N THR A 325 22.44 -24.96 -0.57
CA THR A 325 21.31 -24.21 -1.00
C THR A 325 20.42 -24.98 -1.96
N PRO A 326 19.18 -24.51 -2.11
CA PRO A 326 18.31 -25.06 -3.11
C PRO A 326 18.92 -24.67 -4.47
N ALA A 327 18.41 -25.19 -5.57
CA ALA A 327 18.90 -24.73 -6.87
C ALA A 327 18.55 -23.24 -6.85
N ILE A 328 19.43 -22.39 -7.37
CA ILE A 328 19.24 -20.96 -7.38
C ILE A 328 19.33 -20.32 -8.76
N SER A 329 18.41 -19.40 -9.07
CA SER A 329 18.53 -18.63 -10.28
C SER A 329 17.83 -17.31 -10.03
N SER A 330 18.32 -16.31 -10.73
CA SER A 330 17.71 -15.00 -10.70
C SER A 330 17.11 -14.78 -12.08
N THR A 331 15.78 -14.75 -12.12
CA THR A 331 15.07 -14.50 -13.36
C THR A 331 15.24 -13.03 -13.74
N LYS A 332 15.63 -12.18 -12.80
CA LYS A 332 15.84 -10.77 -13.13
C LYS A 332 16.94 -10.56 -14.16
N ALA A 333 17.87 -11.50 -14.25
CA ALA A 333 18.96 -11.41 -15.21
C ALA A 333 18.34 -11.40 -16.62
N MSE A 334 17.18 -12.05 -16.78
CA MSE A 334 16.42 -12.08 -18.03
C MSE A 334 15.35 -11.00 -18.16
O MSE A 334 15.17 -10.40 -19.23
CB MSE A 334 15.66 -13.41 -18.15
CG MSE A 334 16.47 -14.61 -18.45
SE MSE A 334 15.29 -16.22 -18.46
CE MSE A 334 15.20 -16.62 -16.68
N THR A 335 14.62 -10.74 -17.08
CA THR A 335 13.48 -9.83 -17.12
C THR A 335 13.66 -8.37 -16.72
N GLY A 336 14.65 -8.10 -15.89
CA GLY A 336 14.78 -6.77 -15.37
C GLY A 336 13.99 -6.83 -14.05
N HIS A 337 14.01 -5.72 -13.34
CA HIS A 337 13.37 -5.57 -12.04
C HIS A 337 12.06 -4.81 -12.25
N SER A 338 10.92 -5.49 -12.10
CA SER A 338 9.62 -4.87 -12.33
C SER A 338 8.98 -4.22 -11.09
N LEU A 339 9.82 -3.97 -10.09
CA LEU A 339 9.44 -3.25 -8.85
C LEU A 339 8.16 -3.78 -8.20
N GLY A 340 7.07 -3.02 -8.31
CA GLY A 340 5.77 -3.41 -7.73
C GLY A 340 5.27 -4.76 -8.22
N ALA A 341 5.61 -5.10 -9.47
CA ALA A 341 5.20 -6.34 -10.07
C ALA A 341 6.20 -7.50 -9.87
N ALA A 342 7.36 -7.20 -9.32
CA ALA A 342 8.41 -8.22 -9.16
C ALA A 342 7.99 -9.47 -8.38
N GLY A 343 7.36 -9.29 -7.22
CA GLY A 343 6.93 -10.40 -6.38
C GLY A 343 5.97 -11.38 -7.04
N VAL A 344 4.95 -10.83 -7.69
CA VAL A 344 3.96 -11.70 -8.36
C VAL A 344 4.59 -12.32 -9.62
N HIS A 345 5.39 -11.54 -10.35
CA HIS A 345 6.06 -12.09 -11.53
C HIS A 345 6.92 -13.30 -11.17
N GLU A 346 7.75 -13.13 -10.14
CA GLU A 346 8.66 -14.19 -9.70
C GLU A 346 7.92 -15.34 -9.05
N ALA A 347 6.78 -15.09 -8.41
CA ALA A 347 5.99 -16.21 -7.86
C ALA A 347 5.43 -17.01 -9.05
N ILE A 348 4.97 -16.31 -10.08
CA ILE A 348 4.45 -16.96 -11.29
C ILE A 348 5.59 -17.74 -12.01
N PHE A 349 6.78 -17.15 -12.13
CA PHE A 349 7.87 -17.86 -12.81
C PHE A 349 8.16 -19.15 -12.04
N SER A 350 8.16 -19.07 -10.71
CA SER A 350 8.39 -20.24 -9.84
C SER A 350 7.29 -21.30 -9.98
N LEU A 351 6.04 -20.87 -10.04
CA LEU A 351 4.93 -21.82 -10.22
C LEU A 351 5.02 -22.54 -11.56
N LEU A 352 5.43 -21.81 -12.59
CA LEU A 352 5.60 -22.44 -13.90
C LEU A 352 6.72 -23.48 -13.90
N MSE A 353 7.78 -23.20 -13.14
CA MSE A 353 8.90 -24.13 -13.05
C MSE A 353 8.44 -25.37 -12.32
O MSE A 353 8.84 -26.47 -12.65
CB MSE A 353 10.09 -23.54 -12.31
CG MSE A 353 10.67 -22.35 -12.99
SE MSE A 353 12.26 -21.72 -12.09
CE MSE A 353 12.04 -19.87 -12.49
N VAL A 354 7.61 -25.20 -11.31
CA VAL A 354 7.06 -26.33 -10.58
C VAL A 354 6.10 -27.14 -11.48
N GLU A 355 5.21 -26.44 -12.16
CA GLU A 355 4.22 -27.09 -13.01
C GLU A 355 4.85 -27.82 -14.19
N HIS A 356 5.89 -27.24 -14.76
CA HIS A 356 6.55 -27.79 -15.93
C HIS A 356 7.87 -28.51 -15.71
N GLY A 357 8.25 -28.70 -14.44
CA GLY A 357 9.46 -29.42 -14.08
C GLY A 357 10.77 -28.98 -14.70
N PHE A 358 11.13 -27.72 -14.47
CA PHE A 358 12.40 -27.22 -14.97
C PHE A 358 12.82 -26.02 -14.13
N ILE A 359 14.12 -25.71 -14.19
CA ILE A 359 14.69 -24.56 -13.53
C ILE A 359 15.18 -23.59 -14.63
N ALA A 360 14.70 -22.35 -14.59
CA ALA A 360 15.10 -21.32 -15.53
C ALA A 360 16.56 -20.93 -15.21
N PRO A 361 17.37 -20.72 -16.23
CA PRO A 361 18.77 -20.39 -15.94
C PRO A 361 19.00 -18.96 -15.43
N SER A 362 20.08 -18.78 -14.66
CA SER A 362 20.49 -17.47 -14.15
C SER A 362 21.53 -17.08 -15.21
N ILE A 363 21.14 -16.22 -16.14
CA ILE A 363 22.03 -15.82 -17.23
C ILE A 363 23.03 -14.70 -16.95
N ASN A 364 23.98 -14.59 -17.87
CA ASN A 364 25.01 -13.55 -17.86
C ASN A 364 26.05 -13.64 -16.73
N ILE A 365 26.24 -14.83 -16.17
CA ILE A 365 27.23 -14.99 -15.12
C ILE A 365 28.53 -15.46 -15.79
N ASP A 366 29.41 -14.51 -16.11
CA ASP A 366 30.68 -14.86 -16.73
C ASP A 366 31.72 -15.22 -15.67
N ASN A 367 31.61 -14.61 -14.50
CA ASN A 367 32.52 -14.83 -13.37
C ASN A 367 31.64 -14.71 -12.15
N LEU A 368 31.50 -15.80 -11.42
CA LEU A 368 30.63 -15.81 -10.28
C LEU A 368 31.22 -15.02 -9.12
N ASP A 369 30.37 -14.28 -8.41
CA ASP A 369 30.82 -13.53 -7.25
C ASP A 369 31.37 -14.55 -6.23
N GLU A 370 32.53 -14.26 -5.63
N GLU A 370 32.51 -14.22 -5.60
CA GLU A 370 33.12 -15.20 -4.66
CA GLU A 370 33.15 -15.11 -4.62
C GLU A 370 32.17 -15.58 -3.52
C GLU A 370 32.21 -15.55 -3.51
N GLN A 371 31.29 -14.66 -3.13
CA GLN A 371 30.34 -14.96 -2.07
C GLN A 371 29.34 -16.04 -2.45
N ALA A 372 29.20 -16.33 -3.74
CA ALA A 372 28.26 -17.37 -4.17
C ALA A 372 28.95 -18.70 -4.45
N GLN A 373 30.29 -18.74 -4.34
CA GLN A 373 31.00 -19.97 -4.62
C GLN A 373 30.53 -21.04 -3.65
N GLY A 374 30.26 -22.24 -4.17
CA GLY A 374 29.78 -23.34 -3.36
C GLY A 374 28.28 -23.58 -3.46
N MSE A 375 27.53 -22.53 -3.80
CA MSE A 375 26.08 -22.65 -3.89
C MSE A 375 25.61 -23.29 -5.19
O MSE A 375 26.34 -23.33 -6.18
CB MSE A 375 25.47 -21.26 -3.76
CG MSE A 375 25.78 -20.64 -2.44
SE MSE A 375 24.91 -18.90 -2.34
CE MSE A 375 25.38 -18.53 -0.51
N ASN A 376 24.38 -23.76 -5.20
CA ASN A 376 23.85 -24.43 -6.37
C ASN A 376 23.19 -23.46 -7.38
N ILE A 377 24.02 -22.67 -8.05
CA ILE A 377 23.57 -21.67 -9.02
C ILE A 377 23.38 -22.37 -10.36
N ILE A 378 22.17 -22.26 -10.91
CA ILE A 378 21.83 -22.88 -12.20
C ILE A 378 22.00 -21.84 -13.32
N THR A 379 22.84 -22.17 -14.30
CA THR A 379 23.14 -21.26 -15.40
C THR A 379 22.73 -21.75 -16.79
N GLU A 380 22.08 -22.92 -16.82
N GLU A 380 22.08 -22.92 -16.82
CA GLU A 380 21.58 -23.53 -18.05
CA GLU A 380 21.56 -23.50 -18.06
C GLU A 380 20.22 -24.13 -17.71
C GLU A 380 20.18 -24.04 -17.68
N THR A 381 19.26 -24.06 -18.64
CA THR A 381 17.92 -24.57 -18.36
C THR A 381 18.07 -26.04 -17.99
N THR A 382 17.49 -26.41 -16.87
CA THR A 382 17.63 -27.76 -16.33
C THR A 382 16.31 -28.41 -15.99
N GLN A 383 16.07 -29.61 -16.53
CA GLN A 383 14.84 -30.31 -16.23
C GLN A 383 15.01 -30.93 -14.86
N ARG A 384 14.01 -30.78 -14.01
CA ARG A 384 14.04 -31.33 -12.67
C ARG A 384 12.66 -31.32 -12.03
N GLU A 385 12.35 -32.35 -11.26
CA GLU A 385 11.08 -32.42 -10.57
C GLU A 385 11.20 -31.48 -9.38
N LEU A 386 10.44 -30.38 -9.36
CA LEU A 386 10.49 -29.45 -8.22
C LEU A 386 9.22 -29.61 -7.39
N THR A 387 9.35 -29.76 -6.09
CA THR A 387 8.20 -29.94 -5.22
C THR A 387 7.94 -28.71 -4.37
N THR A 388 8.99 -28.12 -3.82
CA THR A 388 8.84 -26.95 -2.97
C THR A 388 9.76 -25.87 -3.48
N VAL A 389 9.22 -24.67 -3.62
CA VAL A 389 10.01 -23.51 -4.10
C VAL A 389 9.84 -22.31 -3.17
N MSE A 390 10.83 -21.42 -3.24
CA MSE A 390 10.89 -20.20 -2.43
C MSE A 390 11.24 -19.01 -3.29
O MSE A 390 12.07 -19.12 -4.20
CB MSE A 390 11.99 -20.37 -1.36
CG MSE A 390 12.53 -19.07 -0.76
SE MSE A 390 13.74 -19.41 0.79
CE MSE A 390 12.48 -19.96 1.76
N SER A 391 10.64 -17.87 -3.00
CA SER A 391 10.92 -16.68 -3.77
C SER A 391 11.10 -15.53 -2.78
N ASN A 392 12.24 -14.84 -2.90
CA ASN A 392 12.56 -13.72 -2.02
C ASN A 392 12.32 -12.35 -2.69
N SER A 393 11.87 -11.38 -1.90
CA SER A 393 11.67 -10.02 -2.41
C SER A 393 12.10 -9.07 -1.31
N PHE A 394 13.24 -8.40 -1.47
CA PHE A 394 13.74 -7.47 -0.45
C PHE A 394 13.77 -6.06 -1.01
N GLY A 395 12.83 -5.22 -0.56
CA GLY A 395 12.74 -3.85 -1.06
C GLY A 395 13.36 -2.73 -0.26
N PHE A 396 13.45 -1.57 -0.90
CA PHE A 396 14.01 -0.38 -0.27
C PHE A 396 13.22 -0.10 1.00
N GLY A 397 13.91 0.44 1.99
CA GLY A 397 13.32 0.72 3.29
C GLY A 397 13.48 -0.47 4.23
N GLY A 398 14.27 -1.46 3.82
CA GLY A 398 14.52 -2.66 4.62
C GLY A 398 13.32 -3.59 4.75
N THR A 399 12.41 -3.57 3.78
CA THR A 399 11.23 -4.41 3.85
C THR A 399 11.47 -5.72 3.11
N ASN A 400 11.15 -6.83 3.77
CA ASN A 400 11.39 -8.15 3.22
C ASN A 400 10.17 -9.04 3.15
N ALA A 401 10.08 -9.82 2.08
CA ALA A 401 9.02 -10.80 1.92
C ALA A 401 9.62 -12.05 1.28
N THR A 402 9.12 -13.21 1.73
CA THR A 402 9.53 -14.51 1.20
C THR A 402 8.28 -15.39 1.15
N LEU A 403 8.08 -16.05 0.02
CA LEU A 403 6.97 -16.96 -0.18
C LEU A 403 7.52 -18.33 -0.46
N VAL A 404 6.89 -19.35 0.14
CA VAL A 404 7.24 -20.73 -0.08
C VAL A 404 5.98 -21.39 -0.60
N MSE A 405 6.12 -22.04 -1.75
CA MSE A 405 5.01 -22.71 -2.42
C MSE A 405 5.34 -24.15 -2.69
O MSE A 405 6.50 -24.48 -2.97
CB MSE A 405 4.68 -21.94 -3.69
CG MSE A 405 4.18 -20.54 -3.33
SE MSE A 405 3.97 -19.43 -4.87
CE MSE A 405 5.69 -19.56 -5.49
N ARG A 406 4.34 -25.02 -2.61
CA ARG A 406 4.59 -26.45 -2.75
C ARG A 406 3.51 -27.18 -3.48
N LYS A 407 3.89 -28.14 -4.32
CA LYS A 407 2.90 -28.92 -5.03
C LYS A 407 1.90 -29.43 -4.05
N TYR A 408 0.64 -29.40 -4.43
CA TYR A 408 -0.43 -29.90 -3.59
C TYR A 408 -0.59 -31.42 -3.69
N GLN A 409 -0.64 -32.06 -2.55
CA GLN A 409 -0.73 -33.49 -2.50
C GLN A 409 -2.22 -33.93 -2.44
N LYS A 410 -2.74 -34.33 -3.61
CA LYS A 410 -4.15 -34.75 -3.77
C LYS A 410 -4.56 -35.82 -2.75
N MSE B 4 -8.70 -16.61 20.78
CA MSE B 4 -8.01 -15.72 19.78
C MSE B 4 -7.43 -14.48 20.47
O MSE B 4 -8.00 -13.97 21.43
CB MSE B 4 -8.95 -15.38 18.61
CG MSE B 4 -8.40 -14.35 17.59
SE MSE B 4 -9.27 -14.33 15.83
CE MSE B 4 -8.48 -15.93 15.08
N LYS B 5 -6.26 -14.02 20.03
CA LYS B 5 -5.62 -12.86 20.66
C LYS B 5 -6.44 -11.59 20.48
N ARG B 6 -6.36 -10.72 21.48
CA ARG B 6 -7.09 -9.47 21.50
C ARG B 6 -6.11 -8.32 21.37
N ALA B 7 -6.56 -7.24 20.73
CA ALA B 7 -5.73 -6.06 20.50
C ALA B 7 -6.30 -4.81 21.17
N VAL B 8 -5.41 -4.03 21.76
CA VAL B 8 -5.77 -2.78 22.43
C VAL B 8 -4.87 -1.65 21.91
N ILE B 9 -5.33 -0.41 22.05
CA ILE B 9 -4.56 0.75 21.62
C ILE B 9 -3.97 1.34 22.90
N THR B 10 -2.65 1.45 22.93
CA THR B 10 -1.93 1.92 24.11
C THR B 10 -1.11 3.20 23.95
N GLY B 11 -1.24 3.87 22.82
CA GLY B 11 -0.52 5.09 22.61
C GLY B 11 -0.99 5.71 21.33
N LEU B 12 -0.94 7.04 21.26
CA LEU B 12 -1.36 7.75 20.04
C LEU B 12 -0.56 9.01 19.81
N GLY B 13 -0.52 9.45 18.56
CA GLY B 13 0.19 10.65 18.19
C GLY B 13 -0.51 11.22 16.99
N ILE B 14 -0.48 12.53 16.85
CA ILE B 14 -1.20 13.15 15.78
C ILE B 14 -0.68 14.52 15.40
N VAL B 15 -0.67 14.78 14.10
CA VAL B 15 -0.34 16.06 13.50
C VAL B 15 -1.54 16.31 12.58
N SER B 16 -2.35 17.34 12.84
CA SER B 16 -3.56 17.56 12.03
C SER B 16 -3.94 19.03 11.98
N SER B 17 -4.97 19.33 11.19
CA SER B 17 -5.41 20.70 11.02
C SER B 17 -6.02 21.29 12.30
N ILE B 18 -6.39 20.45 13.27
CA ILE B 18 -6.96 20.94 14.52
C ILE B 18 -6.04 20.74 15.73
N GLY B 19 -4.76 20.45 15.47
CA GLY B 19 -3.80 20.26 16.56
C GLY B 19 -2.63 19.35 16.24
N ASN B 20 -1.47 19.68 16.82
CA ASN B 20 -0.21 18.96 16.65
C ASN B 20 0.09 17.98 17.81
N ASN B 21 -0.86 17.77 18.69
CA ASN B 21 -0.71 16.84 19.79
C ASN B 21 -2.09 16.51 20.34
N GLN B 22 -2.19 15.48 21.17
CA GLN B 22 -3.51 15.11 21.63
C GLN B 22 -4.22 16.13 22.50
N GLN B 23 -3.47 16.91 23.28
CA GLN B 23 -4.09 17.92 24.13
C GLN B 23 -4.73 19.02 23.28
N GLU B 24 -4.04 19.44 22.23
CA GLU B 24 -4.58 20.48 21.35
C GLU B 24 -5.77 19.97 20.59
N VAL B 25 -5.68 18.73 20.11
CA VAL B 25 -6.78 18.11 19.38
C VAL B 25 -8.00 17.98 20.27
N LEU B 26 -7.81 17.53 21.50
CA LEU B 26 -8.91 17.40 22.43
C LEU B 26 -9.65 18.73 22.61
N ALA B 27 -8.90 19.80 22.81
CA ALA B 27 -9.51 21.12 23.00
C ALA B 27 -10.31 21.54 21.76
N SER B 28 -9.76 21.28 20.59
CA SER B 28 -10.44 21.63 19.36
C SER B 28 -11.76 20.86 19.22
N LEU B 29 -11.71 19.57 19.49
CA LEU B 29 -12.90 18.73 19.42
C LEU B 29 -13.98 19.19 20.37
N GLN B 30 -13.58 19.52 21.59
CA GLN B 30 -14.54 19.95 22.61
C GLN B 30 -15.17 21.29 22.31
N GLU B 31 -14.43 22.17 21.64
CA GLU B 31 -14.89 23.51 21.31
C GLU B 31 -15.55 23.63 19.94
N GLY B 32 -15.43 22.62 19.09
CA GLY B 32 -16.04 22.68 17.77
C GLY B 32 -15.28 23.64 16.88
N ARG B 33 -13.97 23.68 17.07
CA ARG B 33 -13.13 24.60 16.33
C ARG B 33 -12.72 24.10 14.95
N SER B 34 -12.90 24.92 13.93
CA SER B 34 -12.52 24.53 12.57
C SER B 34 -11.01 24.62 12.38
N GLY B 35 -10.46 23.69 11.61
CA GLY B 35 -9.04 23.70 11.30
C GLY B 35 -8.84 24.20 9.88
N ILE B 36 -9.92 24.65 9.24
CA ILE B 36 -9.86 25.06 7.85
C ILE B 36 -9.51 26.53 7.66
N THR B 37 -8.60 26.78 6.70
CA THR B 37 -8.17 28.11 6.41
C THR B 37 -8.07 28.33 4.90
N PHE B 38 -7.84 29.58 4.52
CA PHE B 38 -7.68 29.97 3.13
C PHE B 38 -6.34 29.47 2.63
N ALA B 39 -6.33 28.90 1.44
CA ALA B 39 -5.13 28.34 0.83
C ALA B 39 -4.64 29.17 -0.36
N GLN B 40 -3.74 30.11 -0.09
CA GLN B 40 -3.22 30.97 -1.15
C GLN B 40 -2.54 30.08 -2.21
N GLU B 41 -1.92 28.99 -1.76
CA GLU B 41 -1.25 28.10 -2.69
C GLU B 41 -2.18 27.58 -3.79
N PHE B 42 -3.40 27.23 -3.39
CA PHE B 42 -4.37 26.69 -4.31
C PHE B 42 -4.85 27.79 -5.26
N LYS B 43 -5.02 29.00 -4.75
CA LYS B 43 -5.46 30.10 -5.60
C LYS B 43 -4.37 30.34 -6.64
N ASP B 44 -3.11 30.46 -6.19
CA ASP B 44 -1.98 30.71 -7.09
C ASP B 44 -1.83 29.60 -8.16
N ALA B 45 -2.25 28.38 -7.82
CA ALA B 45 -2.14 27.25 -8.75
C ALA B 45 -3.23 27.23 -9.83
N GLY B 46 -4.26 28.05 -9.65
CA GLY B 46 -5.35 28.11 -10.62
C GLY B 46 -6.52 27.20 -10.29
N MSE B 47 -6.56 26.71 -9.05
CA MSE B 47 -7.66 25.85 -8.64
C MSE B 47 -8.89 26.71 -8.29
O MSE B 47 -8.79 27.91 -8.12
CB MSE B 47 -7.25 25.04 -7.41
CG MSE B 47 -6.20 23.95 -7.71
SE MSE B 47 -5.45 23.24 -6.09
CE MSE B 47 -7.09 22.69 -5.18
N ARG B 48 -10.04 26.06 -8.19
CA ARG B 48 -11.30 26.72 -7.82
C ARG B 48 -11.51 26.65 -6.31
N SER B 49 -11.02 25.58 -5.69
CA SER B 49 -11.12 25.38 -4.24
C SER B 49 -9.93 26.13 -3.62
N HIS B 50 -10.20 27.06 -2.73
CA HIS B 50 -9.13 27.82 -2.12
C HIS B 50 -9.12 27.67 -0.61
N VAL B 51 -9.49 26.48 -0.14
CA VAL B 51 -9.55 26.20 1.27
C VAL B 51 -8.84 24.88 1.53
N TRP B 52 -8.29 24.75 2.73
CA TRP B 52 -7.61 23.53 3.17
C TRP B 52 -7.53 23.38 4.69
N GLY B 53 -7.23 22.16 5.11
CA GLY B 53 -7.01 21.80 6.52
C GLY B 53 -5.48 21.62 6.55
N ASP B 54 -4.78 22.74 6.68
CA ASP B 54 -3.34 22.76 6.68
C ASP B 54 -2.77 22.40 8.04
N VAL B 55 -1.66 21.68 8.01
CA VAL B 55 -0.94 21.31 9.22
C VAL B 55 -0.09 22.54 9.51
N LYS B 56 -0.21 23.08 10.72
CA LYS B 56 0.52 24.27 11.10
C LYS B 56 1.64 23.99 12.10
N LEU B 57 2.75 23.45 11.62
CA LEU B 57 3.90 23.20 12.47
C LEU B 57 4.54 24.56 12.72
N GLN B 58 5.03 24.80 13.93
N GLN B 58 5.03 24.80 13.93
CA GLN B 58 5.66 26.09 14.19
CA GLN B 58 5.67 26.08 14.21
C GLN B 58 7.02 26.16 13.51
C GLN B 58 7.03 26.16 13.53
N SER B 59 7.78 25.07 13.60
CA SER B 59 9.11 25.03 13.01
C SER B 59 9.18 24.30 11.69
N GLU B 60 10.30 24.50 11.01
CA GLU B 60 10.54 23.81 9.75
C GLU B 60 10.93 22.41 10.16
N PRO B 61 10.66 21.42 9.31
CA PRO B 61 11.02 20.05 9.72
C PRO B 61 12.52 19.87 10.01
N LYS B 62 13.38 20.68 9.40
CA LYS B 62 14.82 20.57 9.64
C LYS B 62 15.20 20.86 11.09
N ASP B 63 14.31 21.53 11.82
CA ASP B 63 14.56 21.84 13.23
C ASP B 63 13.94 20.79 14.16
N LEU B 64 13.16 19.87 13.59
CA LEU B 64 12.46 18.84 14.38
C LEU B 64 12.95 17.41 14.13
N ILE B 65 13.57 17.15 12.98
CA ILE B 65 14.01 15.82 12.63
C ILE B 65 15.48 15.76 12.23
N ASP B 66 16.19 14.75 12.73
CA ASP B 66 17.62 14.58 12.41
C ASP B 66 17.82 14.69 10.91
N ARG B 67 18.77 15.52 10.54
CA ARG B 67 19.13 15.76 9.16
C ARG B 67 19.34 14.50 8.31
N LYS B 68 19.96 13.46 8.87
CA LYS B 68 20.25 12.22 8.12
C LYS B 68 18.97 11.47 7.76
N VAL B 69 18.00 11.51 8.66
CA VAL B 69 16.72 10.86 8.47
C VAL B 69 15.83 11.69 7.55
N LEU B 70 15.79 12.98 7.80
CA LEU B 70 14.94 13.88 7.04
C LEU B 70 15.23 13.92 5.53
N ARG B 71 16.47 13.67 5.12
CA ARG B 71 16.79 13.74 3.68
C ARG B 71 15.99 12.82 2.79
N PHE B 72 15.51 11.72 3.37
CA PHE B 72 14.77 10.72 2.61
C PHE B 72 13.27 10.93 2.58
N MSE B 73 12.81 11.94 3.31
CA MSE B 73 11.38 12.15 3.50
C MSE B 73 10.55 13.14 2.72
O MSE B 73 10.99 14.25 2.43
CB MSE B 73 11.19 12.57 4.96
CG MSE B 73 11.51 11.52 5.95
SE MSE B 73 11.24 12.16 7.76
CE MSE B 73 11.27 10.43 8.60
N SER B 74 9.33 12.73 2.40
CA SER B 74 8.37 13.62 1.78
C SER B 74 7.57 14.13 2.98
N ASP B 75 6.68 15.09 2.77
CA ASP B 75 5.86 15.63 3.85
C ASP B 75 4.98 14.58 4.56
N ALA B 76 4.45 13.58 3.85
CA ALA B 76 3.62 12.55 4.47
C ALA B 76 4.45 11.82 5.53
N SER B 77 5.70 11.55 5.17
CA SER B 77 6.63 10.87 6.05
C SER B 77 6.97 11.75 7.24
N ILE B 78 7.17 13.03 6.99
CA ILE B 78 7.47 13.96 8.09
C ILE B 78 6.36 13.96 9.12
N TYR B 79 5.12 14.07 8.65
CA TYR B 79 3.98 14.10 9.56
C TYR B 79 3.80 12.77 10.30
N ALA B 80 3.93 11.65 9.61
CA ALA B 80 3.76 10.34 10.25
C ALA B 80 4.85 10.10 11.30
N TYR B 81 6.06 10.54 10.96
CA TYR B 81 7.21 10.41 11.86
C TYR B 81 7.00 11.18 13.15
N LEU B 82 6.52 12.41 13.05
CA LEU B 82 6.28 13.22 14.23
C LEU B 82 5.14 12.61 15.06
N ALA B 83 4.13 12.05 14.37
CA ALA B 83 3.01 11.42 15.05
C ALA B 83 3.53 10.17 15.78
N MSE B 84 4.41 9.43 15.12
CA MSE B 84 4.99 8.24 15.73
C MSE B 84 5.86 8.57 16.95
O MSE B 84 5.83 7.84 17.93
CB MSE B 84 5.78 7.40 14.73
CG MSE B 84 6.00 5.98 15.22
SE MSE B 84 6.48 4.71 13.83
CE MSE B 84 7.44 3.42 14.94
N GLN B 85 6.61 9.67 16.90
N GLN B 85 6.60 9.68 16.88
CA GLN B 85 7.39 10.06 18.08
CA GLN B 85 7.41 10.11 18.00
C GLN B 85 6.44 10.29 19.24
C GLN B 85 6.50 10.37 19.21
N GLU B 86 5.36 11.00 18.98
CA GLU B 86 4.39 11.29 20.04
C GLU B 86 3.77 9.97 20.56
N ALA B 87 3.44 9.04 19.65
CA ALA B 87 2.83 7.77 20.04
C ALA B 87 3.74 6.88 20.90
N ILE B 88 5.02 6.81 20.55
CA ILE B 88 6.00 6.03 21.27
C ILE B 88 6.12 6.59 22.68
N ALA B 89 6.22 7.92 22.77
CA ALA B 89 6.34 8.58 24.05
C ALA B 89 5.10 8.30 24.89
N ASP B 90 3.93 8.48 24.28
CA ASP B 90 2.65 8.25 24.96
C ASP B 90 2.50 6.80 25.44
N SER B 91 2.97 5.87 24.62
CA SER B 91 2.84 4.42 24.91
C SER B 91 3.67 3.95 26.08
N GLY B 92 4.78 4.63 26.36
CA GLY B 92 5.70 4.25 27.43
C GLY B 92 6.60 3.08 27.03
N LEU B 93 6.60 2.70 25.75
CA LEU B 93 7.42 1.58 25.31
C LEU B 93 8.91 1.86 25.38
N SER B 94 9.65 0.81 25.75
CA SER B 94 11.10 0.87 25.84
C SER B 94 11.68 0.68 24.43
N ASP B 95 12.94 1.06 24.25
CA ASP B 95 13.58 0.90 22.95
C ASP B 95 13.58 -0.55 22.46
N SER B 96 13.70 -1.51 23.38
CA SER B 96 13.72 -2.93 23.01
C SER B 96 12.35 -3.47 22.65
N GLN B 97 11.31 -2.70 22.93
CA GLN B 97 9.93 -3.09 22.52
C GLN B 97 9.60 -2.39 21.19
N VAL B 98 10.13 -1.19 20.97
CA VAL B 98 9.92 -0.48 19.70
C VAL B 98 10.67 -1.22 18.58
N SER B 99 11.91 -1.61 18.87
CA SER B 99 12.77 -2.36 17.93
C SER B 99 12.78 -3.78 18.47
N ASN B 100 11.94 -4.65 17.90
CA ASN B 100 11.76 -6.02 18.37
C ASN B 100 11.24 -6.87 17.22
N PHE B 101 11.63 -8.13 17.16
CA PHE B 101 11.17 -9.00 16.09
C PHE B 101 9.63 -9.11 16.06
N ARG B 102 8.98 -8.88 17.21
CA ARG B 102 7.53 -8.96 17.30
C ARG B 102 6.79 -7.62 17.31
N SER B 103 7.51 -6.58 16.89
CA SER B 103 6.96 -5.23 16.80
C SER B 103 7.08 -4.77 15.34
N GLY B 104 5.94 -4.45 14.74
CA GLY B 104 5.89 -4.04 13.37
C GLY B 104 5.34 -2.66 13.09
N LEU B 105 5.25 -2.34 11.80
CA LEU B 105 4.78 -1.05 11.32
C LEU B 105 3.99 -1.19 10.03
N VAL B 106 2.76 -0.67 10.02
CA VAL B 106 1.85 -0.71 8.87
C VAL B 106 1.28 0.71 8.81
N VAL B 107 1.83 1.51 7.90
CA VAL B 107 1.47 2.92 7.76
C VAL B 107 1.31 3.24 6.28
N GLY B 108 0.22 3.91 5.91
CA GLY B 108 0.00 4.20 4.51
C GLY B 108 -0.23 5.64 4.16
N SER B 109 -0.31 5.89 2.86
CA SER B 109 -0.58 7.22 2.35
C SER B 109 -1.49 7.03 1.13
N GLY B 110 -2.42 7.97 0.95
CA GLY B 110 -3.36 7.91 -0.18
C GLY B 110 -2.65 8.19 -1.49
N GLY B 111 -1.81 9.22 -1.47
CA GLY B 111 -1.08 9.59 -2.68
C GLY B 111 0.42 9.40 -2.68
N GLY B 112 1.04 9.14 -1.52
CA GLY B 112 2.52 9.02 -1.48
C GLY B 112 3.05 10.45 -1.52
N SER B 113 3.72 10.84 -2.60
CA SER B 113 4.21 12.23 -2.71
C SER B 113 4.17 12.75 -4.15
N PRO B 114 2.98 13.20 -4.59
CA PRO B 114 2.85 13.79 -5.91
C PRO B 114 3.78 14.99 -6.07
N ARG B 115 3.98 15.77 -5.03
CA ARG B 115 4.90 16.90 -5.11
C ARG B 115 6.33 16.47 -5.48
N ASN B 116 6.81 15.39 -4.85
CA ASN B 116 8.15 14.89 -5.16
C ASN B 116 8.24 14.19 -6.51
N GLN B 117 7.18 13.52 -6.94
CA GLN B 117 7.20 12.90 -8.27
C GLN B 117 7.41 14.04 -9.27
N VAL B 118 6.66 15.14 -9.10
CA VAL B 118 6.76 16.31 -9.97
C VAL B 118 8.09 17.07 -9.86
N ALA B 119 8.57 17.22 -8.65
CA ALA B 119 9.84 17.90 -8.41
C ALA B 119 10.96 17.17 -9.15
N GLY B 120 10.97 15.84 -9.09
CA GLY B 120 11.99 15.05 -9.78
C GLY B 120 11.93 15.25 -11.29
N SER B 121 10.73 15.15 -11.85
CA SER B 121 10.56 15.31 -13.28
C SER B 121 10.93 16.73 -13.72
N ASP B 122 10.53 17.73 -12.93
CA ASP B 122 10.89 19.11 -13.26
C ASP B 122 12.43 19.27 -13.32
N ALA B 123 13.13 18.71 -12.33
CA ALA B 123 14.59 18.78 -12.28
C ALA B 123 15.27 18.19 -13.54
N MSE B 124 14.76 17.06 -14.02
CA MSE B 124 15.30 16.41 -15.25
C MSE B 124 15.19 17.28 -16.47
O MSE B 124 15.98 17.13 -17.40
CB MSE B 124 14.60 15.10 -15.60
CG MSE B 124 14.96 13.97 -14.73
SE MSE B 124 16.84 13.55 -14.88
CE MSE B 124 16.99 12.62 -16.54
N ARG B 125 14.20 18.17 -16.48
CA ARG B 125 13.96 19.05 -17.59
C ARG B 125 14.69 20.37 -17.47
N THR B 126 15.67 20.45 -16.59
CA THR B 126 16.45 21.67 -16.42
C THR B 126 17.89 21.25 -16.67
N PRO B 127 18.81 22.22 -16.76
CA PRO B 127 20.21 21.88 -16.99
C PRO B 127 20.83 21.01 -15.90
N ARG B 128 20.35 21.14 -14.67
CA ARG B 128 20.87 20.34 -13.56
C ARG B 128 20.62 18.82 -13.74
N GLY B 129 19.58 18.44 -14.48
CA GLY B 129 19.26 17.02 -14.75
C GLY B 129 19.33 16.06 -13.58
N LEU B 130 20.06 14.96 -13.74
CA LEU B 130 20.20 13.96 -12.67
C LEU B 130 20.71 14.53 -11.35
N LYS B 131 21.60 15.52 -11.40
CA LYS B 131 22.08 16.11 -10.15
C LYS B 131 20.95 16.86 -9.47
N GLY B 132 20.07 17.46 -10.27
CA GLY B 132 18.92 18.20 -9.72
C GLY B 132 17.93 17.29 -9.05
N VAL B 133 17.78 16.08 -9.58
CA VAL B 133 16.87 15.11 -9.01
C VAL B 133 17.43 14.69 -7.64
N GLY B 134 18.74 14.43 -7.59
CA GLY B 134 19.37 14.02 -6.33
C GLY B 134 19.11 12.54 -6.08
N PRO B 135 19.81 11.95 -5.10
CA PRO B 135 19.72 10.53 -4.77
C PRO B 135 18.71 10.10 -3.71
N TYR B 136 17.83 10.99 -3.27
CA TYR B 136 16.87 10.61 -2.23
C TYR B 136 15.44 10.65 -2.74
N MSE B 137 15.28 10.77 -4.05
CA MSE B 137 13.94 10.91 -4.61
C MSE B 137 13.07 9.64 -4.55
O MSE B 137 11.86 9.75 -4.38
CB MSE B 137 14.07 11.44 -6.04
CG MSE B 137 12.80 12.03 -6.63
SE MSE B 137 12.18 13.52 -5.51
CE MSE B 137 13.83 14.44 -5.14
N VAL B 138 13.67 8.46 -4.66
CA VAL B 138 12.86 7.22 -4.63
C VAL B 138 12.08 7.09 -3.32
N THR B 139 12.75 7.28 -2.18
CA THR B 139 12.09 7.16 -0.88
C THR B 139 11.05 8.27 -0.66
N LYS B 140 11.26 9.42 -1.31
CA LYS B 140 10.29 10.49 -1.19
C LYS B 140 9.08 10.26 -2.06
N ALA B 141 9.30 9.74 -3.27
CA ALA B 141 8.21 9.57 -4.21
C ALA B 141 7.50 8.22 -4.25
N MSE B 142 8.13 7.16 -3.76
CA MSE B 142 7.50 5.85 -3.83
C MSE B 142 6.28 5.79 -2.90
O MSE B 142 6.21 6.47 -1.89
CB MSE B 142 8.50 4.75 -3.51
CG MSE B 142 8.95 4.70 -2.05
SE MSE B 142 10.47 3.48 -1.80
CE MSE B 142 10.45 3.49 0.14
N ALA B 143 5.33 4.94 -3.29
CA ALA B 143 4.09 4.77 -2.54
C ALA B 143 4.35 4.36 -1.08
N SER B 144 5.34 3.52 -0.85
CA SER B 144 5.66 3.01 0.49
C SER B 144 6.59 3.90 1.31
N GLY B 145 6.89 5.08 0.80
CA GLY B 145 7.79 5.99 1.49
C GLY B 145 7.45 6.21 2.94
N VAL B 146 6.16 6.33 3.25
CA VAL B 146 5.73 6.60 4.59
C VAL B 146 6.03 5.43 5.56
N SER B 147 6.10 4.19 5.07
CA SER B 147 6.44 3.08 5.98
C SER B 147 7.98 2.95 6.04
N ALA B 148 8.63 3.06 4.90
CA ALA B 148 10.08 2.94 4.83
C ALA B 148 10.86 4.02 5.62
N CYS B 149 10.39 5.27 5.57
CA CYS B 149 11.07 6.37 6.25
C CYS B 149 10.93 6.34 7.76
N LEU B 150 10.03 5.51 8.27
CA LEU B 150 9.83 5.38 9.72
C LEU B 150 10.46 4.08 10.23
N ALA B 151 10.39 3.04 9.40
CA ALA B 151 10.91 1.73 9.75
C ALA B 151 12.40 1.76 10.01
N THR B 152 13.14 2.46 9.16
CA THR B 152 14.58 2.56 9.34
C THR B 152 15.02 3.29 10.60
N PRO B 153 14.59 4.56 10.78
CA PRO B 153 15.04 5.29 11.98
C PRO B 153 14.57 4.70 13.32
N PHE B 154 13.40 4.06 13.36
CA PHE B 154 12.91 3.46 14.60
C PHE B 154 13.40 2.04 14.73
N LYS B 155 14.20 1.60 13.76
CA LYS B 155 14.79 0.27 13.79
C LYS B 155 13.75 -0.84 13.91
N ILE B 156 12.66 -0.70 13.18
CA ILE B 156 11.61 -1.74 13.18
C ILE B 156 12.16 -3.04 12.60
N LYS B 157 11.82 -4.15 13.24
CA LYS B 157 12.30 -5.45 12.85
C LYS B 157 11.22 -6.41 12.42
N GLY B 158 9.97 -6.09 12.73
CA GLY B 158 8.82 -6.93 12.40
C GLY B 158 8.29 -6.60 11.02
N VAL B 159 6.98 -6.67 10.82
CA VAL B 159 6.46 -6.33 9.49
C VAL B 159 6.72 -4.86 9.19
N ASN B 160 6.78 -4.54 7.90
CA ASN B 160 7.04 -3.19 7.45
C ASN B 160 6.48 -3.01 6.04
N TYR B 161 5.35 -2.33 5.94
CA TYR B 161 4.76 -2.07 4.65
C TYR B 161 3.62 -1.07 4.76
N SER B 162 3.16 -0.61 3.60
CA SER B 162 2.08 0.35 3.54
C SER B 162 0.84 -0.28 2.91
N ILE B 163 -0.31 0.19 3.35
CA ILE B 163 -1.58 -0.21 2.76
C ILE B 163 -2.12 1.13 2.27
N SER B 164 -2.63 1.17 1.05
N SER B 164 -2.61 1.17 1.03
CA SER B 164 -3.20 2.37 0.47
CA SER B 164 -3.20 2.36 0.44
C SER B 164 -4.59 2.03 -0.06
C SER B 164 -4.60 2.02 -0.04
N SER B 165 -5.55 2.89 0.25
CA SER B 165 -6.92 2.69 -0.17
C SER B 165 -7.67 4.00 -0.03
N ALA B 166 -7.06 5.05 -0.56
CA ALA B 166 -7.66 6.37 -0.53
C ALA B 166 -8.09 6.75 0.89
N CYS B 167 -9.33 7.22 1.02
CA CYS B 167 -9.90 7.67 2.29
C CYS B 167 -9.83 6.61 3.43
N ALA B 168 -9.82 5.32 3.05
CA ALA B 168 -9.80 4.20 3.98
C ALA B 168 -8.41 3.72 4.45
N THR B 169 -7.37 4.22 3.78
CA THR B 169 -5.96 3.86 4.02
C THR B 169 -5.52 3.51 5.45
N SER B 170 -5.57 4.48 6.34
CA SER B 170 -5.12 4.28 7.69
C SER B 170 -6.10 3.47 8.54
N ALA B 171 -7.36 3.36 8.10
CA ALA B 171 -8.33 2.53 8.80
C ALA B 171 -7.95 1.05 8.49
N HIS B 172 -7.63 0.77 7.23
CA HIS B 172 -7.18 -0.58 6.87
C HIS B 172 -5.86 -0.91 7.56
N CYS B 173 -5.02 0.07 7.76
CA CYS B 173 -3.76 -0.17 8.42
C CYS B 173 -4.01 -0.63 9.86
N ILE B 174 -4.96 0.01 10.56
CA ILE B 174 -5.30 -0.31 11.94
C ILE B 174 -5.94 -1.70 11.99
N GLY B 175 -6.87 -1.95 11.07
CA GLY B 175 -7.54 -3.24 10.98
C GLY B 175 -6.54 -4.34 10.71
N HIS B 176 -5.54 -4.06 9.87
CA HIS B 176 -4.56 -5.09 9.60
C HIS B 176 -3.66 -5.31 10.81
N ALA B 177 -3.41 -4.28 11.61
CA ALA B 177 -2.62 -4.46 12.83
C ALA B 177 -3.36 -5.46 13.74
N LEU B 178 -4.68 -5.31 13.83
CA LEU B 178 -5.51 -6.20 14.61
C LEU B 178 -5.33 -7.64 14.08
N GLU B 179 -5.40 -7.80 12.75
CA GLU B 179 -5.25 -9.13 12.11
C GLU B 179 -3.91 -9.80 12.46
N LEU B 180 -2.83 -9.01 12.42
CA LEU B 180 -1.48 -9.51 12.74
C LEU B 180 -1.40 -9.99 14.19
N ILE B 181 -2.09 -9.29 15.07
CA ILE B 181 -2.15 -9.67 16.49
C ILE B 181 -2.96 -10.97 16.59
N GLN B 182 -4.10 -10.98 15.93
CA GLN B 182 -4.96 -12.15 15.90
C GLN B 182 -4.27 -13.40 15.37
N LEU B 183 -3.44 -13.24 14.34
CA LEU B 183 -2.70 -14.37 13.77
C LEU B 183 -1.53 -14.79 14.67
N GLY B 184 -1.26 -14.03 15.72
CA GLY B 184 -0.18 -14.31 16.64
C GLY B 184 1.19 -13.97 16.09
N LYS B 185 1.23 -13.18 15.01
CA LYS B 185 2.48 -12.81 14.34
C LYS B 185 3.25 -11.64 14.94
N GLN B 186 2.55 -10.72 15.59
CA GLN B 186 3.17 -9.56 16.21
C GLN B 186 2.50 -9.29 17.55
N ASP B 187 3.26 -8.72 18.48
CA ASP B 187 2.73 -8.34 19.81
C ASP B 187 2.40 -6.84 19.80
N ILE B 188 3.09 -6.09 18.94
CA ILE B 188 2.92 -4.65 18.77
C ILE B 188 2.95 -4.27 17.30
N VAL B 189 2.06 -3.40 16.85
CA VAL B 189 2.07 -2.92 15.48
C VAL B 189 1.80 -1.41 15.53
N PHE B 190 2.71 -0.62 14.99
CA PHE B 190 2.53 0.84 14.89
C PHE B 190 1.74 1.05 13.61
N ALA B 191 0.51 1.54 13.72
CA ALA B 191 -0.36 1.71 12.57
C ALA B 191 -0.88 3.13 12.42
N GLY B 192 -0.83 3.63 11.18
CA GLY B 192 -1.31 4.97 10.93
C GLY B 192 -1.15 5.37 9.49
N GLY B 193 -1.01 6.66 9.25
CA GLY B 193 -0.84 7.14 7.88
C GLY B 193 -0.41 8.58 7.87
N GLY B 194 -0.07 9.06 6.68
CA GLY B 194 0.36 10.43 6.51
C GLY B 194 -0.10 10.90 5.15
N GLU B 195 -0.28 12.19 5.00
CA GLU B 195 -0.66 12.72 3.70
C GLU B 195 -0.11 14.12 3.60
N GLU B 196 0.51 14.44 2.46
CA GLU B 196 1.03 15.80 2.26
C GLU B 196 -0.14 16.66 1.77
N LEU B 197 0.00 17.97 1.82
CA LEU B 197 -1.02 18.91 1.34
C LEU B 197 -0.31 19.68 0.25
N CYS B 198 -0.83 19.61 -0.98
CA CYS B 198 -0.18 20.22 -2.11
C CYS B 198 -1.11 20.37 -3.29
N TRP B 199 -0.91 21.42 -4.07
CA TRP B 199 -1.75 21.65 -5.25
C TRP B 199 -1.58 20.50 -6.25
N GLU B 200 -0.39 19.91 -6.29
CA GLU B 200 -0.12 18.81 -7.23
C GLU B 200 -1.16 17.70 -7.13
N MSE B 201 -1.57 17.36 -5.90
CA MSE B 201 -2.58 16.35 -5.71
C MSE B 201 -3.98 16.96 -5.63
O MSE B 201 -4.92 16.47 -6.25
CB MSE B 201 -2.30 15.55 -4.43
CG MSE B 201 -3.32 14.45 -4.20
SE MSE B 201 -2.81 13.36 -2.63
CE MSE B 201 -2.73 14.78 -1.37
N ALA B 202 -4.11 18.06 -4.91
CA ALA B 202 -5.39 18.71 -4.74
C ALA B 202 -6.09 19.06 -6.05
N CYS B 203 -5.34 19.49 -7.05
CA CYS B 203 -5.98 19.87 -8.28
C CYS B 203 -6.64 18.68 -8.98
N GLU B 204 -6.21 17.45 -8.66
CA GLU B 204 -6.80 16.26 -9.26
C GLU B 204 -8.20 16.09 -8.72
N PHE B 205 -8.38 16.44 -7.45
CA PHE B 205 -9.70 16.35 -6.82
C PHE B 205 -10.58 17.48 -7.31
N ASP B 206 -10.00 18.66 -7.46
CA ASP B 206 -10.76 19.81 -7.96
C ASP B 206 -11.17 19.48 -9.40
N ALA B 207 -10.27 18.83 -10.15
CA ALA B 207 -10.55 18.49 -11.56
C ALA B 207 -11.72 17.56 -11.76
N MSE B 208 -12.06 16.76 -10.73
CA MSE B 208 -13.21 15.85 -10.79
C MSE B 208 -14.40 16.43 -10.06
O MSE B 208 -15.42 15.75 -9.85
CB MSE B 208 -12.90 14.46 -10.25
CG MSE B 208 -12.41 14.39 -8.81
SE MSE B 208 -12.46 12.54 -8.14
CE MSE B 208 -14.39 12.29 -7.96
N GLY B 209 -14.26 17.70 -9.66
CA GLY B 209 -15.31 18.42 -8.98
C GLY B 209 -15.61 17.99 -7.57
N ALA B 210 -14.68 17.32 -6.91
CA ALA B 210 -14.91 16.82 -5.57
C ALA B 210 -14.63 17.80 -4.43
N LEU B 211 -13.99 18.94 -4.71
CA LEU B 211 -13.65 19.88 -3.64
C LEU B 211 -14.61 21.07 -3.51
N SER B 212 -14.78 21.56 -2.30
CA SER B 212 -15.65 22.70 -2.02
C SER B 212 -15.10 23.93 -2.74
N THR B 213 -15.96 24.69 -3.41
CA THR B 213 -15.47 25.88 -4.14
C THR B 213 -16.28 27.13 -3.88
N LYS B 214 -17.45 26.99 -3.27
CA LYS B 214 -18.33 28.12 -3.03
C LYS B 214 -18.19 28.87 -1.71
N TYR B 215 -17.33 28.40 -0.81
CA TYR B 215 -17.15 29.03 0.49
C TYR B 215 -15.74 29.52 0.77
N ASN B 216 -15.02 29.85 -0.31
CA ASN B 216 -13.64 30.32 -0.18
C ASN B 216 -13.51 31.58 0.67
N ASP B 217 -14.54 32.43 0.66
CA ASP B 217 -14.53 33.67 1.45
C ASP B 217 -14.84 33.47 2.94
N THR B 218 -15.30 32.26 3.32
CA THR B 218 -15.58 31.91 4.72
C THR B 218 -15.12 30.46 4.89
N PRO B 219 -13.79 30.26 4.93
CA PRO B 219 -13.23 28.89 4.99
C PRO B 219 -13.76 27.99 6.09
N ALA B 220 -13.97 28.56 7.27
CA ALA B 220 -14.44 27.74 8.38
C ALA B 220 -15.82 27.15 8.14
N LYS B 221 -16.53 27.64 7.13
CA LYS B 221 -17.88 27.14 6.86
C LYS B 221 -17.98 26.24 5.63
N ALA B 222 -16.86 26.04 4.93
CA ALA B 222 -16.84 25.22 3.71
C ALA B 222 -17.13 23.73 3.89
N SER B 223 -16.63 23.13 4.97
CA SER B 223 -16.83 21.69 5.23
C SER B 223 -18.06 21.63 6.12
N ARG B 224 -19.11 21.01 5.60
CA ARG B 224 -20.40 21.01 6.26
C ARG B 224 -21.19 19.73 6.01
N THR B 225 -20.61 18.64 6.46
CA THR B 225 -21.19 17.31 6.34
C THR B 225 -22.67 17.26 6.74
N TYR B 226 -23.47 16.68 5.84
CA TYR B 226 -24.91 16.51 5.97
C TYR B 226 -25.73 17.79 5.86
N ASP B 227 -25.09 18.91 5.52
CA ASP B 227 -25.81 20.16 5.32
C ASP B 227 -26.34 20.20 3.88
N GLN B 228 -27.54 20.74 3.70
CA GLN B 228 -28.12 20.81 2.37
C GLN B 228 -27.30 21.58 1.35
N ASP B 229 -26.49 22.55 1.80
CA ASP B 229 -25.71 23.39 0.91
C ASP B 229 -24.22 23.03 0.78
N ARG B 230 -23.90 21.77 1.11
CA ARG B 230 -22.55 21.27 1.01
C ARG B 230 -22.22 21.22 -0.47
N ASP B 231 -20.94 21.36 -0.79
CA ASP B 231 -20.55 21.33 -2.18
C ASP B 231 -19.19 20.72 -2.41
N GLY B 232 -18.81 19.74 -1.61
CA GLY B 232 -17.50 19.11 -1.81
C GLY B 232 -16.68 19.09 -0.54
N PHE B 233 -15.63 18.27 -0.53
CA PHE B 233 -14.84 18.19 0.65
C PHE B 233 -13.74 19.22 0.64
N VAL B 234 -13.15 19.41 1.81
CA VAL B 234 -12.02 20.34 1.98
C VAL B 234 -10.80 19.44 2.21
N ILE B 235 -9.82 19.51 1.32
CA ILE B 235 -8.66 18.67 1.44
C ILE B 235 -7.78 19.07 2.61
N ALA B 236 -7.21 18.07 3.28
CA ALA B 236 -6.38 18.30 4.45
C ALA B 236 -5.16 17.40 4.44
N GLY B 237 -4.21 17.70 5.31
CA GLY B 237 -2.99 16.91 5.41
C GLY B 237 -2.75 16.49 6.84
N GLY B 238 -1.65 15.78 7.06
CA GLY B 238 -1.30 15.37 8.41
C GLY B 238 -0.78 13.96 8.57
N GLY B 239 -0.69 13.56 9.82
CA GLY B 239 -0.20 12.23 10.17
C GLY B 239 -0.84 11.78 11.45
N GLY B 240 -0.88 10.47 11.63
CA GLY B 240 -1.44 9.92 12.83
C GLY B 240 -0.87 8.55 13.04
N MSE B 241 -0.72 8.16 14.29
CA MSE B 241 -0.21 6.85 14.58
C MSE B 241 -0.81 6.37 15.90
O MSE B 241 -1.03 7.18 16.84
CB MSE B 241 1.31 6.93 14.78
CG MSE B 241 2.06 5.62 14.79
SE MSE B 241 2.14 4.83 12.98
CE MSE B 241 2.34 6.24 11.93
N VAL B 242 -1.08 5.08 15.95
CA VAL B 242 -1.59 4.41 17.14
C VAL B 242 -0.74 3.17 17.37
N VAL B 243 -0.55 2.84 18.64
CA VAL B 243 0.20 1.66 19.01
C VAL B 243 -0.83 0.60 19.30
N VAL B 244 -0.86 -0.43 18.46
CA VAL B 244 -1.80 -1.52 18.59
C VAL B 244 -0.98 -2.62 19.26
N GLU B 245 -1.50 -3.18 20.35
CA GLU B 245 -0.76 -4.16 21.11
C GLU B 245 -1.60 -5.32 21.60
N GLU B 246 -1.01 -6.51 21.63
CA GLU B 246 -1.69 -7.69 22.11
C GLU B 246 -2.01 -7.43 23.58
N LEU B 247 -3.20 -7.87 23.99
CA LEU B 247 -3.69 -7.61 25.35
C LEU B 247 -2.81 -8.01 26.53
N GLU B 248 -2.41 -9.27 26.60
N GLU B 248 -2.41 -9.27 26.61
CA GLU B 248 -1.58 -9.75 27.70
CA GLU B 248 -1.55 -9.74 27.71
C GLU B 248 -0.26 -8.98 27.76
C GLU B 248 -0.25 -8.95 27.77
N HIS B 249 0.28 -8.65 26.59
CA HIS B 249 1.52 -7.91 26.49
C HIS B 249 1.35 -6.51 27.08
N ALA B 250 0.24 -5.86 26.78
CA ALA B 250 -0.04 -4.51 27.30
C ALA B 250 -0.24 -4.56 28.82
N LEU B 251 -1.07 -5.47 29.26
CA LEU B 251 -1.34 -5.64 30.68
C LEU B 251 -0.07 -5.93 31.49
N ALA B 252 0.76 -6.84 30.98
CA ALA B 252 1.99 -7.24 31.65
C ALA B 252 2.98 -6.10 31.88
N ARG B 253 3.00 -5.11 30.98
CA ARG B 253 3.94 -3.99 31.15
C ARG B 253 3.29 -2.75 31.79
N GLY B 254 2.03 -2.87 32.17
CA GLY B 254 1.34 -1.77 32.80
C GLY B 254 0.97 -0.67 31.83
N ALA B 255 0.66 -1.03 30.59
CA ALA B 255 0.31 -0.03 29.60
C ALA B 255 -1.01 0.67 29.92
N HIS B 256 -1.14 1.87 29.40
CA HIS B 256 -2.37 2.59 29.51
C HIS B 256 -3.17 2.13 28.31
N ILE B 257 -4.37 1.62 28.56
CA ILE B 257 -5.21 1.14 27.47
C ILE B 257 -6.34 2.08 27.17
N TYR B 258 -6.30 2.68 25.98
CA TYR B 258 -7.37 3.58 25.55
C TYR B 258 -8.65 2.81 25.26
N ALA B 259 -8.53 1.73 24.51
CA ALA B 259 -9.65 0.91 24.13
C ALA B 259 -9.19 -0.38 23.48
N GLU B 260 -10.13 -1.32 23.34
CA GLU B 260 -9.86 -2.55 22.66
C GLU B 260 -10.44 -2.43 21.25
N ILE B 261 -9.76 -2.96 20.25
CA ILE B 261 -10.30 -2.93 18.91
C ILE B 261 -11.17 -4.17 18.86
N VAL B 262 -12.49 -4.01 18.92
CA VAL B 262 -13.36 -5.16 18.96
C VAL B 262 -13.97 -5.50 17.62
N GLY B 263 -13.76 -4.68 16.62
CA GLY B 263 -14.34 -4.97 15.33
C GLY B 263 -13.63 -4.29 14.20
N TYR B 264 -13.65 -4.96 13.04
CA TYR B 264 -13.01 -4.45 11.84
C TYR B 264 -13.68 -5.04 10.62
N GLY B 265 -14.18 -4.17 9.77
CA GLY B 265 -14.81 -4.59 8.56
C GLY B 265 -14.08 -3.95 7.37
N ALA B 266 -14.00 -4.70 6.29
CA ALA B 266 -13.38 -4.22 5.08
C ALA B 266 -14.10 -4.91 3.93
N THR B 267 -14.69 -4.11 3.05
CA THR B 267 -15.44 -4.63 1.93
C THR B 267 -15.21 -3.72 0.72
N SER B 268 -15.93 -4.02 -0.35
CA SER B 268 -15.85 -3.27 -1.59
C SER B 268 -17.26 -3.16 -2.15
N ASP B 269 -17.55 -2.03 -2.78
CA ASP B 269 -18.88 -1.77 -3.35
C ASP B 269 -19.24 -2.70 -4.51
N GLY B 270 -18.31 -2.83 -5.46
CA GLY B 270 -18.48 -3.69 -6.64
C GLY B 270 -19.56 -3.27 -7.61
N GLU B 279 -24.58 -0.72 -0.23
CA GLU B 279 -24.62 -2.12 0.25
C GLU B 279 -23.22 -2.55 0.74
N GLY B 280 -22.15 -2.12 0.08
CA GLY B 280 -20.78 -2.44 0.53
C GLY B 280 -20.56 -1.83 1.92
N ALA B 281 -20.99 -0.57 2.10
CA ALA B 281 -20.87 0.12 3.39
C ALA B 281 -21.68 -0.60 4.47
N VAL B 282 -22.88 -1.04 4.11
CA VAL B 282 -23.73 -1.76 5.05
C VAL B 282 -23.01 -3.02 5.51
N ARG B 283 -22.51 -3.80 4.55
CA ARG B 283 -21.79 -5.01 4.87
C ARG B 283 -20.53 -4.76 5.68
N CYS B 284 -19.90 -3.60 5.44
CA CYS B 284 -18.67 -3.25 6.16
C CYS B 284 -19.00 -2.99 7.61
N MSE B 285 -20.03 -2.19 7.84
CA MSE B 285 -20.46 -1.90 9.19
C MSE B 285 -20.90 -3.18 9.91
O MSE B 285 -20.52 -3.40 11.05
CB MSE B 285 -21.60 -0.88 9.21
CG MSE B 285 -21.11 0.54 9.02
SE MSE B 285 -22.50 1.90 9.11
CE MSE B 285 -23.19 1.75 7.28
N GLN B 286 -21.70 -4.01 9.26
CA GLN B 286 -22.17 -5.24 9.88
C GLN B 286 -21.00 -6.17 10.22
N MSE B 287 -19.99 -6.23 9.36
CA MSE B 287 -18.83 -7.09 9.62
C MSE B 287 -18.07 -6.66 10.88
O MSE B 287 -17.68 -7.50 11.69
CB MSE B 287 -17.87 -7.08 8.43
CG MSE B 287 -16.66 -8.02 8.59
SE MSE B 287 -15.59 -7.95 6.95
CE MSE B 287 -16.99 -8.39 5.67
N ALA B 288 -17.88 -5.34 11.02
CA ALA B 288 -17.19 -4.77 12.17
C ALA B 288 -18.00 -4.94 13.45
N MSE B 289 -19.31 -5.08 13.32
CA MSE B 289 -20.15 -5.22 14.50
C MSE B 289 -20.37 -6.67 14.91
O MSE B 289 -20.94 -6.93 15.98
CB MSE B 289 -21.49 -4.51 14.23
CG MSE B 289 -21.31 -3.04 13.83
SE MSE B 289 -23.00 -2.18 13.28
CE MSE B 289 -23.65 -2.68 14.96
N ALA B 290 -19.93 -7.63 14.09
CA ALA B 290 -20.11 -9.04 14.41
C ALA B 290 -19.51 -9.43 15.79
N GLY B 291 -20.30 -10.12 16.58
CA GLY B 291 -19.83 -10.53 17.92
C GLY B 291 -19.75 -9.46 19.01
N VAL B 292 -19.87 -8.18 18.63
CA VAL B 292 -19.81 -7.07 19.60
C VAL B 292 -21.09 -7.11 20.42
N ASP B 293 -20.95 -7.39 21.71
CA ASP B 293 -22.14 -7.55 22.57
C ASP B 293 -22.67 -6.30 23.28
N THR B 294 -22.25 -5.15 22.82
CA THR B 294 -22.69 -3.89 23.37
C THR B 294 -23.19 -3.01 22.23
N PRO B 295 -24.05 -2.05 22.56
CA PRO B 295 -24.55 -1.16 21.52
C PRO B 295 -23.49 -0.16 21.06
N ILE B 296 -23.64 0.38 19.85
CA ILE B 296 -22.74 1.41 19.34
C ILE B 296 -23.23 2.75 19.93
N ASP B 297 -22.44 3.35 20.81
CA ASP B 297 -22.84 4.60 21.48
C ASP B 297 -22.65 5.83 20.60
N TYR B 298 -21.58 5.80 19.81
CA TYR B 298 -21.23 6.90 18.95
C TYR B 298 -20.55 6.41 17.67
N MSE B 299 -20.85 7.07 16.56
CA MSE B 299 -20.29 6.77 15.28
C MSE B 299 -19.71 8.01 14.62
O MSE B 299 -20.38 9.03 14.46
CB MSE B 299 -21.35 6.17 14.36
CG MSE B 299 -21.04 6.21 12.90
SE MSE B 299 -22.39 5.13 11.92
CE MSE B 299 -23.73 5.56 12.96
N ASN B 300 -18.42 7.93 14.30
CA ASN B 300 -17.69 8.97 13.60
C ASN B 300 -17.85 8.57 12.10
N VAL B 301 -18.73 9.25 11.42
CA VAL B 301 -19.04 8.95 10.02
C VAL B 301 -17.97 9.30 9.02
N HIS B 302 -18.08 8.73 7.84
CA HIS B 302 -17.14 9.03 6.77
C HIS B 302 -17.38 10.45 6.26
N GLY B 303 -18.67 10.77 6.09
CA GLY B 303 -19.15 12.09 5.63
C GLY B 303 -18.14 13.18 5.35
N THR B 304 -17.71 13.26 4.09
CA THR B 304 -16.69 14.23 3.66
C THR B 304 -17.25 15.58 3.22
N SER B 305 -18.57 15.70 3.15
CA SER B 305 -19.26 16.94 2.75
C SER B 305 -19.51 17.03 1.25
N THR B 306 -19.59 15.88 0.58
CA THR B 306 -19.89 15.84 -0.85
C THR B 306 -21.40 15.57 -0.99
N PRO B 307 -22.04 16.14 -2.00
CA PRO B 307 -23.48 15.91 -2.20
C PRO B 307 -23.89 14.42 -2.33
N VAL B 308 -23.25 13.67 -3.22
CA VAL B 308 -23.62 12.26 -3.41
C VAL B 308 -23.08 11.35 -2.31
N GLY B 309 -21.80 11.49 -2.01
CA GLY B 309 -21.16 10.69 -1.01
C GLY B 309 -21.90 10.68 0.32
N ASP B 310 -22.28 11.85 0.84
CA ASP B 310 -22.97 11.93 2.13
C ASP B 310 -24.29 11.15 2.11
N VAL B 311 -25.08 11.32 1.05
CA VAL B 311 -26.35 10.59 0.95
C VAL B 311 -26.17 9.09 0.83
N LYS B 312 -25.11 8.64 0.16
CA LYS B 312 -24.85 7.20 0.04
C LYS B 312 -24.60 6.63 1.44
N GLU B 313 -23.80 7.34 2.24
CA GLU B 313 -23.51 6.88 3.60
C GLU B 313 -24.76 6.92 4.46
N LEU B 314 -25.54 7.98 4.33
CA LEU B 314 -26.78 8.10 5.12
C LEU B 314 -27.70 6.90 4.82
N GLY B 315 -27.81 6.54 3.54
CA GLY B 315 -28.63 5.39 3.15
C GLY B 315 -28.17 4.12 3.83
N ALA B 316 -26.85 3.90 3.87
CA ALA B 316 -26.28 2.70 4.49
C ALA B 316 -26.52 2.70 6.01
N ILE B 317 -26.35 3.85 6.65
CA ILE B 317 -26.59 3.96 8.07
C ILE B 317 -28.06 3.63 8.35
N ARG B 318 -28.94 4.13 7.50
CA ARG B 318 -30.36 3.88 7.67
C ARG B 318 -30.69 2.39 7.53
N GLU B 319 -29.98 1.70 6.64
CA GLU B 319 -30.18 0.27 6.46
C GLU B 319 -29.75 -0.52 7.69
N VAL B 320 -28.66 -0.10 8.33
CA VAL B 320 -28.17 -0.81 9.49
C VAL B 320 -28.91 -0.48 10.79
N PHE B 321 -29.21 0.80 11.00
CA PHE B 321 -29.85 1.26 12.23
C PHE B 321 -31.23 1.89 12.14
N GLY B 322 -31.76 2.06 10.94
CA GLY B 322 -33.03 2.75 10.82
C GLY B 322 -32.81 4.15 11.40
N ASN B 323 -33.74 4.62 12.22
CA ASN B 323 -33.63 5.91 12.87
C ASN B 323 -33.01 5.73 14.26
N ASN B 324 -32.90 4.48 14.70
CA ASN B 324 -32.32 4.18 15.99
C ASN B 324 -30.81 4.06 15.88
N THR B 325 -30.20 5.18 15.59
CA THR B 325 -28.78 5.25 15.38
C THR B 325 -27.99 5.57 16.61
N PRO B 326 -26.70 5.26 16.58
CA PRO B 326 -25.90 5.72 17.70
C PRO B 326 -25.86 7.24 17.55
N ALA B 327 -25.23 7.95 18.49
CA ALA B 327 -25.04 9.40 18.37
C ALA B 327 -24.09 9.55 17.17
N ILE B 328 -24.33 10.55 16.33
CA ILE B 328 -23.54 10.72 15.15
C ILE B 328 -22.96 12.09 14.95
N SER B 329 -21.71 12.14 14.50
CA SER B 329 -21.11 13.42 14.11
C SER B 329 -20.02 13.14 13.12
N SER B 330 -19.75 14.15 12.30
CA SER B 330 -18.67 14.16 11.33
C SER B 330 -17.62 15.14 11.79
N THR B 331 -16.45 14.65 12.20
CA THR B 331 -15.39 15.55 12.59
C THR B 331 -14.76 16.19 11.35
N LYS B 332 -15.08 15.67 10.16
CA LYS B 332 -14.55 16.26 8.94
C LYS B 332 -15.06 17.68 8.74
N ALA B 333 -16.23 17.99 9.31
CA ALA B 333 -16.78 19.32 9.21
C ALA B 333 -15.82 20.35 9.86
N MSE B 334 -15.02 19.88 10.81
CA MSE B 334 -14.01 20.69 11.46
C MSE B 334 -12.61 20.54 10.88
O MSE B 334 -11.91 21.52 10.66
CB MSE B 334 -13.87 20.28 12.95
CG MSE B 334 -14.89 20.80 13.90
SE MSE B 334 -14.47 20.07 15.72
CE MSE B 334 -15.23 18.39 15.58
N THR B 335 -12.22 19.32 10.58
CA THR B 335 -10.86 19.03 10.13
C THR B 335 -10.57 18.98 8.64
N GLY B 336 -11.58 18.76 7.81
CA GLY B 336 -11.35 18.57 6.40
C GLY B 336 -11.08 17.07 6.25
N HIS B 337 -10.73 16.66 5.04
CA HIS B 337 -10.51 15.27 4.69
C HIS B 337 -9.01 15.05 4.52
N SER B 338 -8.37 14.36 5.47
CA SER B 338 -6.93 14.13 5.42
C SER B 338 -6.49 12.89 4.64
N LEU B 339 -7.38 12.40 3.78
CA LEU B 339 -7.10 11.25 2.89
C LEU B 339 -6.38 10.09 3.59
N GLY B 340 -5.11 9.85 3.28
CA GLY B 340 -4.34 8.78 3.91
C GLY B 340 -4.33 8.78 5.44
N ALA B 341 -4.44 9.96 6.03
CA ALA B 341 -4.44 10.10 7.48
C ALA B 341 -5.84 10.14 8.12
N ALA B 342 -6.88 10.16 7.30
CA ALA B 342 -8.24 10.27 7.81
C ALA B 342 -8.66 9.17 8.77
N GLY B 343 -8.37 7.91 8.42
CA GLY B 343 -8.73 6.78 9.27
C GLY B 343 -8.13 6.81 10.66
N VAL B 344 -6.83 7.06 10.73
CA VAL B 344 -6.16 7.11 12.01
C VAL B 344 -6.54 8.40 12.75
N HIS B 345 -6.69 9.51 12.05
CA HIS B 345 -7.14 10.72 12.74
C HIS B 345 -8.48 10.48 13.41
N GLU B 346 -9.43 9.94 12.67
CA GLU B 346 -10.78 9.70 13.19
C GLU B 346 -10.85 8.63 14.28
N ALA B 347 -9.97 7.66 14.20
CA ALA B 347 -9.87 6.63 15.21
C ALA B 347 -9.40 7.33 16.51
N ILE B 348 -8.40 8.22 16.37
CA ILE B 348 -7.84 9.01 17.49
C ILE B 348 -8.89 9.93 18.09
N PHE B 349 -9.63 10.63 17.26
CA PHE B 349 -10.67 11.51 17.80
C PHE B 349 -11.70 10.71 18.58
N SER B 350 -12.08 9.54 18.06
CA SER B 350 -13.05 8.67 18.70
C SER B 350 -12.50 8.15 20.03
N LEU B 351 -11.20 7.83 20.07
CA LEU B 351 -10.60 7.35 21.34
C LEU B 351 -10.60 8.48 22.37
N LEU B 352 -10.35 9.71 21.93
CA LEU B 352 -10.36 10.84 22.87
C LEU B 352 -11.77 11.07 23.43
N MSE B 353 -12.79 10.90 22.59
CA MSE B 353 -14.18 11.03 23.05
C MSE B 353 -14.49 9.95 24.08
O MSE B 353 -15.21 10.21 25.06
CB MSE B 353 -15.15 10.91 21.90
CG MSE B 353 -14.99 11.97 20.88
SE MSE B 353 -16.33 11.94 19.52
CE MSE B 353 -15.21 12.55 18.06
N VAL B 354 -13.97 8.75 23.87
CA VAL B 354 -14.19 7.65 24.84
C VAL B 354 -13.42 7.94 26.14
N GLU B 355 -12.15 8.29 26.00
CA GLU B 355 -11.31 8.58 27.15
C GLU B 355 -11.82 9.77 27.98
N HIS B 356 -12.33 10.82 27.30
CA HIS B 356 -12.79 12.02 27.99
C HIS B 356 -14.31 12.18 28.17
N GLY B 357 -15.07 11.19 27.72
CA GLY B 357 -16.51 11.19 27.89
C GLY B 357 -17.28 12.33 27.26
N PHE B 358 -17.12 12.53 25.96
CA PHE B 358 -17.85 13.58 25.28
C PHE B 358 -18.02 13.23 23.81
N ILE B 359 -19.00 13.88 23.18
CA ILE B 359 -19.23 13.70 21.75
C ILE B 359 -18.92 15.02 21.05
N ALA B 360 -18.01 15.00 20.09
CA ALA B 360 -17.65 16.21 19.35
C ALA B 360 -18.83 16.60 18.46
N PRO B 361 -19.04 17.90 18.28
CA PRO B 361 -20.15 18.32 17.46
C PRO B 361 -19.94 18.20 15.95
N SER B 362 -21.04 17.97 15.24
CA SER B 362 -21.00 17.92 13.80
C SER B 362 -21.39 19.36 13.46
N ILE B 363 -20.42 20.18 13.09
CA ILE B 363 -20.68 21.59 12.84
C ILE B 363 -21.14 21.95 11.45
N ASN B 364 -21.55 23.21 11.30
CA ASN B 364 -21.98 23.80 10.02
C ASN B 364 -23.23 23.22 9.38
N ILE B 365 -24.08 22.58 10.18
CA ILE B 365 -25.31 22.05 9.65
C ILE B 365 -26.41 23.10 9.90
N ASP B 366 -26.67 23.92 8.88
CA ASP B 366 -27.70 24.96 8.97
C ASP B 366 -29.06 24.39 8.57
N ASN B 367 -29.04 23.41 7.67
CA ASN B 367 -30.26 22.76 7.19
C ASN B 367 -29.90 21.29 6.97
N LEU B 368 -30.42 20.41 7.82
CA LEU B 368 -30.09 19.00 7.73
C LEU B 368 -30.62 18.39 6.44
N ASP B 369 -29.81 17.54 5.83
CA ASP B 369 -30.20 16.87 4.61
C ASP B 369 -31.39 15.99 4.97
N GLU B 370 -32.40 15.97 4.11
CA GLU B 370 -33.60 15.17 4.34
C GLU B 370 -33.32 13.70 4.63
N GLN B 371 -32.24 13.18 4.05
CA GLN B 371 -31.87 11.78 4.25
C GLN B 371 -31.36 11.47 5.66
N ALA B 372 -31.03 12.49 6.46
CA ALA B 372 -30.56 12.27 7.84
C ALA B 372 -31.68 12.48 8.87
N GLN B 373 -32.84 12.93 8.41
CA GLN B 373 -33.99 13.19 9.27
C GLN B 373 -34.29 11.97 10.13
N GLY B 374 -34.48 12.20 11.42
CA GLY B 374 -34.76 11.11 12.36
C GLY B 374 -33.55 10.49 13.05
N MSE B 375 -32.36 10.71 12.51
CA MSE B 375 -31.15 10.17 13.10
C MSE B 375 -30.63 11.03 14.24
O MSE B 375 -30.93 12.21 14.33
CB MSE B 375 -30.06 10.01 12.05
CG MSE B 375 -30.48 9.11 10.94
SE MSE B 375 -29.02 8.94 9.70
CE MSE B 375 -29.82 7.56 8.67
N ASN B 376 -29.79 10.43 15.09
CA ASN B 376 -29.28 11.14 16.25
C ASN B 376 -27.98 11.92 15.97
N ILE B 377 -28.11 12.96 15.15
CA ILE B 377 -26.99 13.82 14.78
C ILE B 377 -26.74 14.80 15.92
N ILE B 378 -25.51 14.82 16.41
CA ILE B 378 -25.11 15.71 17.51
C ILE B 378 -24.49 16.98 16.91
N THR B 379 -25.01 18.15 17.29
CA THR B 379 -24.50 19.42 16.75
C THR B 379 -23.92 20.39 17.78
N GLU B 380 -23.86 19.96 19.03
CA GLU B 380 -23.30 20.73 20.11
C GLU B 380 -22.49 19.74 20.95
N THR B 381 -21.34 20.16 21.46
CA THR B 381 -20.52 19.25 22.26
C THR B 381 -21.37 18.69 23.39
N THR B 382 -21.36 17.39 23.57
CA THR B 382 -22.19 16.76 24.60
C THR B 382 -21.42 15.85 25.54
N GLN B 383 -21.57 16.03 26.85
CA GLN B 383 -20.84 15.22 27.79
C GLN B 383 -21.58 13.90 27.90
N ARG B 384 -20.87 12.78 27.77
CA ARG B 384 -21.53 11.48 27.86
C ARG B 384 -20.56 10.32 27.99
N GLU B 385 -20.94 9.33 28.80
CA GLU B 385 -20.13 8.14 29.00
C GLU B 385 -20.27 7.29 27.76
N LEU B 386 -19.19 7.16 27.00
CA LEU B 386 -19.21 6.36 25.77
C LEU B 386 -18.45 5.06 26.04
N THR B 387 -19.01 3.91 25.67
CA THR B 387 -18.36 2.65 25.89
C THR B 387 -17.87 2.01 24.59
N THR B 388 -18.70 2.05 23.56
CA THR B 388 -18.38 1.44 22.29
C THR B 388 -18.57 2.49 21.18
N VAL B 389 -17.57 2.64 20.33
CA VAL B 389 -17.63 3.62 19.25
C VAL B 389 -17.27 2.99 17.89
N MSE B 390 -17.77 3.58 16.81
CA MSE B 390 -17.50 3.09 15.48
C MSE B 390 -17.04 4.24 14.56
O MSE B 390 -17.51 5.37 14.68
CB MSE B 390 -18.77 2.48 14.89
CG MSE B 390 -18.51 1.62 13.69
SE MSE B 390 -20.15 0.58 13.22
CE MSE B 390 -20.97 1.95 12.58
N SER B 391 -16.11 3.94 13.66
CA SER B 391 -15.62 4.94 12.73
C SER B 391 -15.59 4.32 11.34
N ASN B 392 -16.22 5.01 10.38
CA ASN B 392 -16.30 4.60 8.98
C ASN B 392 -15.36 5.39 8.09
N SER B 393 -14.79 4.68 7.11
CA SER B 393 -13.90 5.26 6.13
C SER B 393 -14.27 4.59 4.80
N PHE B 394 -15.01 5.30 3.95
CA PHE B 394 -15.44 4.73 2.68
C PHE B 394 -14.79 5.50 1.54
N GLY B 395 -13.64 5.03 1.07
CA GLY B 395 -12.88 5.73 0.03
C GLY B 395 -13.16 5.54 -1.44
N PHE B 396 -12.63 6.45 -2.26
N PHE B 396 -12.58 6.43 -2.24
CA PHE B 396 -12.85 6.36 -3.68
CA PHE B 396 -12.73 6.37 -3.68
C PHE B 396 -12.31 5.01 -4.12
C PHE B 396 -12.25 5.00 -4.15
N GLY B 397 -12.93 4.45 -5.16
CA GLY B 397 -12.58 3.16 -5.68
C GLY B 397 -13.51 2.11 -5.09
N GLY B 398 -14.46 2.56 -4.27
CA GLY B 398 -15.42 1.69 -3.62
C GLY B 398 -14.86 0.84 -2.49
N THR B 399 -13.77 1.31 -1.88
CA THR B 399 -13.14 0.57 -0.79
C THR B 399 -13.66 1.07 0.56
N ASN B 400 -14.08 0.13 1.40
CA ASN B 400 -14.64 0.47 2.68
C ASN B 400 -13.89 -0.16 3.84
N ALA B 401 -13.82 0.58 4.95
CA ALA B 401 -13.23 0.13 6.21
C ALA B 401 -14.07 0.73 7.32
N THR B 402 -14.28 -0.08 8.36
CA THR B 402 -15.01 0.33 9.56
C THR B 402 -14.28 -0.25 10.76
N LEU B 403 -14.07 0.57 11.78
CA LEU B 403 -13.44 0.12 13.00
C LEU B 403 -14.43 0.29 14.15
N VAL B 404 -14.44 -0.67 15.08
CA VAL B 404 -15.27 -0.60 16.28
C VAL B 404 -14.30 -0.77 17.47
N MSE B 405 -14.32 0.21 18.37
CA MSE B 405 -13.45 0.22 19.54
C MSE B 405 -14.29 0.34 20.77
O MSE B 405 -15.35 0.96 20.75
CB MSE B 405 -12.44 1.37 19.41
CG MSE B 405 -11.53 1.15 18.19
SE MSE B 405 -10.51 2.75 17.72
CE MSE B 405 -11.81 4.03 17.51
N ARG B 406 -13.81 -0.28 21.84
CA ARG B 406 -14.54 -0.30 23.08
C ARG B 406 -13.66 -0.21 24.35
N LYS B 407 -14.12 0.49 25.36
CA LYS B 407 -13.39 0.56 26.61
C LYS B 407 -13.06 -0.85 27.09
N TYR B 408 -11.87 -1.00 27.64
CA TYR B 408 -11.44 -2.29 28.13
C TYR B 408 -11.83 -2.48 29.59
N GLN B 409 -12.59 -3.53 29.84
CA GLN B 409 -13.05 -3.88 31.20
C GLN B 409 -12.06 -4.85 31.84
K K C . 12.37 -13.52 -6.23
P PO4 D . 24.23 4.81 -26.03
O1 PO4 D . 23.36 4.51 -24.85
O2 PO4 D . 25.63 4.30 -25.78
O3 PO4 D . 24.26 6.30 -26.28
O4 PO4 D . 23.66 4.13 -27.25
C1 EDO E . -12.33 -3.92 -25.86
O1 EDO E . -12.65 -5.29 -25.56
C2 EDO E . -13.01 -3.53 -27.16
O2 EDO E . -12.24 -2.52 -27.83
C1 PEG F . 25.13 8.28 -8.41
O1 PEG F . 25.82 7.57 -9.44
C2 PEG F . 25.10 9.76 -8.74
O2 PEG F . 24.66 9.94 -10.09
C3 PEG F . 24.01 11.20 -10.31
C4 PEG F . 25.04 12.28 -10.62
O4 PEG F . 25.00 12.59 -12.01
C1 PEG G . 32.11 -3.08 -13.62
O1 PEG G . 31.40 -2.19 -12.76
C2 PEG G . 31.41 -3.17 -14.97
O2 PEG G . 32.25 -2.68 -16.02
C3 PEG G . 31.91 -3.26 -17.27
C4 PEG G . 32.69 -2.57 -18.39
O4 PEG G . 34.07 -2.97 -18.32
C1 PEG H . 11.11 13.41 -22.64
O1 PEG H . 11.37 12.89 -23.94
C2 PEG H . 12.39 13.37 -21.82
O2 PEG H . 12.26 14.20 -20.67
C3 PEG H . 12.81 15.51 -20.85
C4 PEG H . 14.21 15.57 -20.24
O4 PEG H . 14.81 16.81 -20.62
C1 PEG I . 17.02 -30.86 -21.70
O1 PEG I . 17.15 -32.03 -20.89
C2 PEG I . 17.05 -29.59 -20.84
O2 PEG I . 16.19 -28.58 -21.39
C3 PEG I . 15.11 -28.22 -20.53
C4 PEG I . 13.90 -27.69 -21.30
O4 PEG I . 12.70 -27.92 -20.55
C1 PEG J . 9.78 -28.33 10.87
O1 PEG J . 8.91 -28.99 9.94
C2 PEG J . 10.37 -27.10 10.18
O2 PEG J . 10.89 -26.19 11.15
C3 PEG J . 9.90 -25.27 11.57
C4 PEG J . 10.19 -24.64 12.92
O4 PEG J . 8.93 -24.38 13.55
C1 PEG K . 28.43 -21.26 -12.67
O1 PEG K . 28.50 -22.05 -11.48
C2 PEG K . 29.26 -19.99 -12.49
O2 PEG K . 29.80 -19.56 -13.74
C3 PEG K . 31.24 -19.58 -13.78
C4 PEG K . 31.77 -18.22 -13.32
O4 PEG K . 32.83 -18.26 -12.34
K K L . -14.74 8.27 10.30
P PO4 M . -2.70 5.36 33.49
O1 PO4 M . -2.35 5.14 34.94
O2 PO4 M . -3.73 6.46 33.38
O3 PO4 M . -1.45 5.77 32.73
O4 PO4 M . -3.25 4.07 32.91
P PO4 N . -11.25 33.87 -3.42
O1 PO4 N . -10.59 32.57 -3.09
O2 PO4 N . -11.94 34.42 -2.20
O3 PO4 N . -10.22 34.87 -3.92
O4 PO4 N . -12.28 33.63 -4.50
C1 EDO O . 7.68 20.79 -20.46
O1 EDO O . 7.01 21.32 -19.30
C2 EDO O . 9.10 21.33 -20.50
O2 EDO O . 9.88 20.60 -21.48
C1 EDO P . 17.68 15.46 16.03
O1 EDO P . 17.73 14.44 17.04
C2 EDO P . 16.64 16.51 16.37
O2 EDO P . 16.72 17.59 15.42
C1 EDO Q . -26.76 3.44 23.83
O1 EDO Q . -27.94 2.83 24.34
C2 EDO Q . -26.83 3.65 22.32
O2 EDO Q . -27.16 5.01 21.99
C1 PEG R . 14.75 7.11 17.16
O1 PEG R . 13.81 8.10 17.54
C2 PEG R . 15.41 7.53 15.86
O2 PEG R . 15.90 8.88 15.95
C3 PEG R . 16.78 9.21 14.88
C4 PEG R . 17.84 10.21 15.34
O4 PEG R . 17.23 11.40 15.86
C1 PEG S . 27.69 12.82 11.55
O1 PEG S . 27.92 11.40 11.60
C2 PEG S . 27.47 13.38 12.93
O2 PEG S . 28.55 14.28 13.24
C3 PEG S . 29.23 13.93 14.45
C4 PEG S . 30.40 14.90 14.69
O4 PEG S . 30.39 15.37 16.03
C1 PGE T . 4.54 -10.09 34.11
O1 PGE T . 4.34 -10.86 32.91
C2 PGE T . 3.18 -9.73 34.71
O2 PGE T . 3.29 -8.53 35.48
C3 PGE T . 2.05 -7.85 35.61
C4 PGE T . 2.22 -6.65 36.53
O4 PGE T . 5.39 -3.44 35.05
C6 PGE T . 3.98 -3.65 35.22
C5 PGE T . 3.75 -4.90 36.06
O3 PGE T . 2.48 -5.49 35.75
O1 PG4 U . -6.99 -15.34 34.32
C1 PG4 U . -5.90 -14.43 34.23
C2 PG4 U . -6.38 -13.02 33.86
O2 PG4 U . -5.26 -12.14 33.84
C3 PG4 U . -5.10 -11.38 32.64
C4 PG4 U . -3.62 -11.09 32.34
O3 PG4 U . -2.96 -10.36 33.38
C5 PG4 U . -1.66 -9.94 32.96
C6 PG4 U . -1.02 -8.97 33.96
O4 PG4 U . -2.04 -8.09 34.46
C7 PG4 U . -1.55 -7.19 35.45
C8 PG4 U . -1.99 -5.77 35.12
O5 PG4 U . -3.30 -5.51 35.60
O1 PG4 V . -16.45 25.02 -8.67
C1 PG4 V . -17.55 24.91 -9.58
C2 PG4 V . -18.34 23.64 -9.25
O2 PG4 V . -17.98 22.59 -10.14
C3 PG4 V . -17.95 21.31 -9.52
C4 PG4 V . -17.94 20.23 -10.60
O3 PG4 V . -16.68 20.26 -11.27
C5 PG4 V . -16.80 19.88 -12.64
C6 PG4 V . -15.45 19.48 -13.19
O4 PG4 V . -14.62 20.65 -13.26
C7 PG4 V . -13.69 20.61 -14.34
C8 PG4 V . -12.92 21.93 -14.40
O5 PG4 V . -13.58 22.85 -15.29
#